data_4FDD
#
_entry.id   4FDD
#
_cell.length_a   128.720
_cell.length_b   157.255
_cell.length_c   67.543
_cell.angle_alpha   90.000
_cell.angle_beta   90.000
_cell.angle_gamma   90.000
#
_symmetry.space_group_name_H-M   'P 21 21 2'
#
loop_
_entity.id
_entity.type
_entity.pdbx_description
1 polymer Transportin-1
2 polymer 'RNA-binding protein FUS'
3 water water
#
loop_
_entity_poly.entity_id
_entity_poly.type
_entity_poly.pdbx_seq_one_letter_code
_entity_poly.pdbx_strand_id
1 'polypeptide(L)'
;MEYEWKPDEQGLQQILQLLKESQSPDTTIQRTVQQKLEQLNQYPDFNNYLIFVLTKLKSEDEPTRSLSGLILKNNVKAHF
QNFPNGVTDFIKSECLNNIGDSSPLIRATVGILITTIASKGELQNWPDLLPKLCSLLDSEDYNTCEGAFGALQKICEDSA
EILDSDVLDRPLNIMIPKFLQFFKHSSPKIRSHAVACVNQFIISRTQALMLHIDSFIENLFALAGDEEPEVRKNVCRALV
MLLEVRMDRLLPHMHNIVEYMLQRTQDQDENVALEACEFWLTLAEQPICKDVLVRHLPKLIPVLVNGMKYSDIDIILLKG
DVEGGSGGDDTISDWNLRKCSAAALDVLANVYRDELLPHILPLLKELLFHHEWVVKESGILVLGAIAEGCMQGMIPYLPE
LIPHLIQCLSDKKALVRSITCWTLSRYAHWVVSQPPDTYLKPLMTELLKRILDSNKRVQEAACSAFATLEEEACTELVPY
LAYILDTLVFAFSKYQHKNLLILYDAIGTLADSVGHHLNKPEYIQMLMPPLIQKWNMLKDEDKDLFPLLECLSSVATALQ
SGFLPYCEPVYQRCVNLVQKTLAQAMLNNAQPDQYEAPDKDFMIVALDLLSGLAEGLGGNIEQLVARSNILTLMYQCMQD
KMPEVRQSSFALLGDLTKACFQHVKPCIADFMPILGTNLNPEFISVCNNATWAIGEISIQMGIEMQPYIPMVLHQLVEII
NRPNTPKTLLENTAITIGRLGYVCPQEVAPMLQQFIRPWCTSLRNIRDNEEKDSAFRGICTMISVNPSGVIQDFIFFCDA
VASWINPKDDLRDMFCKILHGFKNQVGDENWRRFSDQFPLPLKERLAAFYGV
;
A
2 'polypeptide(L)' RGGGDRGGFGPGKMDSRGEHRQDRRERPY B
#
# COMPACT_ATOMS: atom_id res chain seq x y z
N TRP A 5 -44.83 -0.13 30.57
CA TRP A 5 -44.10 1.06 31.10
C TRP A 5 -45.07 2.19 31.41
N LYS A 6 -44.59 3.43 31.35
CA LYS A 6 -45.32 4.60 31.86
C LYS A 6 -45.56 5.70 30.80
N PRO A 7 -46.15 5.34 29.63
CA PRO A 7 -46.45 6.45 28.71
C PRO A 7 -47.75 7.17 29.11
N ASP A 8 -47.67 8.49 29.31
CA ASP A 8 -48.89 9.25 29.60
C ASP A 8 -49.23 10.21 28.46
N GLU A 9 -50.51 10.56 28.38
CA GLU A 9 -51.07 11.26 27.21
C GLU A 9 -50.40 12.58 26.89
N GLN A 10 -50.20 13.40 27.92
CA GLN A 10 -49.53 14.69 27.80
C GLN A 10 -48.14 14.52 27.16
N GLY A 11 -47.38 13.56 27.68
CA GLY A 11 -46.04 13.27 27.15
C GLY A 11 -46.09 12.83 25.69
N LEU A 12 -47.01 11.91 25.40
CA LEU A 12 -47.14 11.36 24.07
C LEU A 12 -47.55 12.43 23.06
N GLN A 13 -48.51 13.27 23.44
CA GLN A 13 -49.01 14.33 22.58
C GLN A 13 -47.89 15.29 22.16
N GLN A 14 -46.98 15.55 23.09
CA GLN A 14 -45.86 16.49 22.87
C GLN A 14 -44.83 15.97 21.89
N ILE A 15 -44.51 14.70 22.02
CA ILE A 15 -43.53 14.07 21.15
C ILE A 15 -44.10 13.89 19.73
N LEU A 16 -45.33 13.37 19.64
CA LEU A 16 -46.03 13.28 18.36
C LEU A 16 -46.11 14.64 17.69
N GLN A 17 -46.42 15.67 18.48
CA GLN A 17 -46.43 17.02 17.95
C GLN A 17 -45.08 17.34 17.33
N LEU A 18 -44.01 17.04 18.07
CA LEU A 18 -42.64 17.28 17.61
C LEU A 18 -42.27 16.43 16.38
N LEU A 19 -42.74 15.18 16.36
CA LEU A 19 -42.54 14.30 15.21
C LEU A 19 -43.26 14.82 13.98
N LYS A 20 -44.50 15.27 14.16
CA LYS A 20 -45.24 15.91 13.07
C LYS A 20 -44.48 17.13 12.55
N GLU A 21 -43.96 17.94 13.47
CA GLU A 21 -43.25 19.18 13.12
C GLU A 21 -41.95 18.94 12.37
N SER A 22 -41.29 17.82 12.66
CA SER A 22 -40.06 17.45 11.96
C SER A 22 -40.32 17.09 10.50
N GLN A 23 -41.59 16.78 10.18
CA GLN A 23 -42.01 16.42 8.82
C GLN A 23 -42.58 17.61 8.05
N SER A 24 -42.47 18.80 8.63
CA SER A 24 -42.91 20.03 8.00
C SER A 24 -42.03 20.42 6.82
N PRO A 25 -42.64 20.88 5.71
CA PRO A 25 -41.87 21.40 4.57
C PRO A 25 -41.18 22.73 4.92
N ASP A 26 -41.66 23.40 5.96
CA ASP A 26 -41.10 24.66 6.42
C ASP A 26 -39.69 24.49 6.97
N THR A 27 -38.79 25.35 6.50
CA THR A 27 -37.38 25.27 6.82
C THR A 27 -37.08 25.78 8.24
N THR A 28 -37.81 26.81 8.66
CA THR A 28 -37.63 27.38 10.00
C THR A 28 -38.18 26.44 11.08
N ILE A 29 -39.38 25.90 10.86
CA ILE A 29 -39.94 24.89 11.78
C ILE A 29 -38.94 23.75 11.98
N GLN A 30 -38.24 23.38 10.92
CA GLN A 30 -37.21 22.35 10.98
C GLN A 30 -36.05 22.73 11.91
N ARG A 31 -35.49 23.93 11.73
CA ARG A 31 -34.32 24.36 12.51
C ARG A 31 -34.62 24.40 14.02
N THR A 32 -35.83 24.82 14.37
CA THR A 32 -36.20 24.87 15.77
C THR A 32 -36.62 23.51 16.31
N VAL A 33 -37.13 22.62 15.46
CA VAL A 33 -37.38 21.22 15.83
C VAL A 33 -36.07 20.46 16.14
N GLN A 34 -35.02 20.82 15.41
CA GLN A 34 -33.68 20.27 15.63
C GLN A 34 -33.19 20.54 17.05
N GLN A 35 -33.26 21.81 17.47
CA GLN A 35 -32.83 22.18 18.83
C GLN A 35 -33.73 21.58 19.91
N LYS A 36 -35.02 21.41 19.60
CA LYS A 36 -35.95 20.80 20.54
C LYS A 36 -35.61 19.34 20.80
N LEU A 37 -35.26 18.62 19.72
CA LEU A 37 -34.77 17.25 19.83
C LEU A 37 -33.40 17.18 20.47
N GLU A 38 -32.55 18.15 20.12
CA GLU A 38 -31.23 18.33 20.72
C GLU A 38 -31.26 18.22 22.24
N GLN A 39 -32.23 18.89 22.87
CA GLN A 39 -32.32 18.87 24.31
C GLN A 39 -32.88 17.54 24.81
N LEU A 40 -33.97 17.10 24.20
CA LEU A 40 -34.67 15.90 24.64
C LEU A 40 -33.86 14.61 24.62
N ASN A 41 -32.98 14.46 23.62
CA ASN A 41 -32.25 13.20 23.45
C ASN A 41 -31.38 12.80 24.65
N GLN A 42 -30.96 13.80 25.40
CA GLN A 42 -30.11 13.59 26.57
C GLN A 42 -30.90 13.06 27.77
N TYR A 43 -32.22 12.97 27.62
CA TYR A 43 -33.10 12.44 28.65
C TYR A 43 -33.50 11.00 28.32
N PRO A 44 -32.86 10.02 28.99
CA PRO A 44 -33.11 8.61 28.71
C PRO A 44 -34.60 8.25 28.58
N ASP A 45 -35.45 8.91 29.35
CA ASP A 45 -36.88 8.61 29.29
C ASP A 45 -37.47 8.91 27.91
N PHE A 46 -36.85 9.86 27.21
CA PHE A 46 -37.28 10.27 25.89
C PHE A 46 -37.19 9.09 24.93
N ASN A 47 -36.07 8.37 25.01
CA ASN A 47 -35.90 7.15 24.23
C ASN A 47 -37.03 6.14 24.41
N ASN A 48 -37.57 6.04 25.63
CA ASN A 48 -38.73 5.18 25.88
C ASN A 48 -39.94 5.59 25.05
N TYR A 49 -40.09 6.90 24.85
CA TYR A 49 -41.19 7.44 24.06
C TYR A 49 -40.98 7.09 22.59
N LEU A 50 -39.72 7.21 22.15
CA LEU A 50 -39.35 6.95 20.77
C LEU A 50 -39.66 5.53 20.32
N ILE A 51 -39.18 4.54 21.07
CA ILE A 51 -39.49 3.15 20.76
C ILE A 51 -40.99 2.88 20.82
N PHE A 52 -41.67 3.50 21.78
CA PHE A 52 -43.12 3.31 21.94
C PHE A 52 -43.91 3.69 20.68
N VAL A 53 -43.55 4.83 20.08
CA VAL A 53 -44.18 5.32 18.86
C VAL A 53 -43.90 4.37 17.69
N LEU A 54 -42.68 3.85 17.65
CA LEU A 54 -42.30 2.94 16.60
C LEU A 54 -43.14 1.67 16.66
N THR A 55 -43.10 0.98 17.79
CA THR A 55 -43.62 -0.38 17.88
C THR A 55 -45.06 -0.46 18.35
N LYS A 56 -45.46 0.44 19.26
CA LYS A 56 -46.78 0.37 19.85
C LYS A 56 -47.83 1.22 19.14
N LEU A 57 -47.47 2.44 18.76
CA LEU A 57 -48.47 3.38 18.23
C LEU A 57 -49.01 3.05 16.84
N LYS A 58 -49.93 2.09 16.80
CA LYS A 58 -50.61 1.70 15.56
C LYS A 58 -51.29 2.88 14.86
N SER A 59 -51.77 3.83 15.66
CA SER A 59 -52.50 4.99 15.16
C SER A 59 -51.70 5.76 14.12
N GLU A 60 -50.41 5.92 14.38
CA GLU A 60 -49.57 6.80 13.59
C GLU A 60 -49.19 6.19 12.24
N ASP A 61 -49.02 7.05 11.24
CA ASP A 61 -48.66 6.61 9.90
C ASP A 61 -47.23 6.09 9.90
N GLU A 62 -46.84 5.47 8.80
CA GLU A 62 -45.55 4.79 8.74
C GLU A 62 -44.32 5.69 8.76
N PRO A 63 -44.30 6.79 7.98
CA PRO A 63 -43.11 7.63 8.06
C PRO A 63 -42.90 8.26 9.44
N THR A 64 -43.98 8.42 10.20
CA THR A 64 -43.90 8.96 11.57
C THR A 64 -43.34 7.92 12.53
N ARG A 65 -43.90 6.72 12.51
CA ARG A 65 -43.41 5.61 13.34
C ARG A 65 -41.93 5.31 13.07
N SER A 66 -41.54 5.37 11.81
CA SER A 66 -40.19 4.98 11.42
C SER A 66 -39.17 6.05 11.77
N LEU A 67 -39.56 7.30 11.62
CA LEU A 67 -38.71 8.43 11.93
C LEU A 67 -38.39 8.45 13.43
N SER A 68 -39.42 8.21 14.25
CA SER A 68 -39.21 8.00 15.67
C SER A 68 -38.15 6.94 15.89
N GLY A 69 -38.29 5.81 15.19
CA GLY A 69 -37.32 4.72 15.26
C GLY A 69 -35.91 5.14 14.89
N LEU A 70 -35.80 6.03 13.92
CA LEU A 70 -34.50 6.39 13.40
C LEU A 70 -33.79 7.40 14.30
N ILE A 71 -34.55 8.37 14.79
CA ILE A 71 -34.04 9.30 15.79
C ILE A 71 -33.47 8.49 16.96
N LEU A 72 -34.25 7.54 17.45
CA LEU A 72 -33.77 6.63 18.47
C LEU A 72 -32.44 5.99 18.07
N LYS A 73 -32.32 5.56 16.81
CA LYS A 73 -31.09 4.93 16.32
C LYS A 73 -29.90 5.86 16.45
N ASN A 74 -30.07 7.13 16.08
CA ASN A 74 -28.97 8.08 16.22
C ASN A 74 -28.54 8.20 17.70
N ASN A 75 -29.54 8.20 18.58
CA ASN A 75 -29.30 8.29 20.01
C ASN A 75 -28.50 7.11 20.50
N VAL A 76 -28.82 5.95 19.96
CA VAL A 76 -28.11 4.72 20.32
C VAL A 76 -26.70 4.68 19.75
N LYS A 77 -26.27 5.73 19.06
CA LYS A 77 -24.90 5.74 18.57
C LYS A 77 -24.15 7.04 18.86
N ALA A 78 -24.62 7.75 19.88
CA ALA A 78 -23.91 8.93 20.38
C ALA A 78 -24.14 9.09 21.88
N HIS A 79 -25.01 8.25 22.43
CA HIS A 79 -25.41 8.35 23.84
C HIS A 79 -25.64 7.03 24.52
N PHE A 80 -25.27 5.93 23.86
CA PHE A 80 -25.67 4.61 24.34
C PHE A 80 -25.05 4.18 25.68
N GLN A 81 -23.83 4.65 25.94
CA GLN A 81 -23.15 4.42 27.21
C GLN A 81 -24.04 4.91 28.36
N ASN A 82 -24.66 6.07 28.14
CA ASN A 82 -25.46 6.79 29.14
C ASN A 82 -26.92 6.31 29.24
N PHE A 83 -27.26 5.26 28.51
CA PHE A 83 -28.55 4.60 28.65
C PHE A 83 -28.52 3.80 29.95
N PRO A 84 -29.52 3.99 30.82
CA PRO A 84 -29.73 3.02 31.91
C PRO A 84 -30.30 1.71 31.35
N ASN A 85 -30.21 0.64 32.13
CA ASN A 85 -30.62 -0.70 31.67
C ASN A 85 -32.12 -0.84 31.47
N GLY A 86 -32.90 -0.15 32.28
CA GLY A 86 -34.36 -0.24 32.23
C GLY A 86 -34.95 0.16 30.90
N VAL A 87 -34.39 1.21 30.29
CA VAL A 87 -34.81 1.66 28.95
C VAL A 87 -34.25 0.71 27.87
N THR A 88 -32.95 0.44 27.92
CA THR A 88 -32.31 -0.50 27.04
C THR A 88 -33.14 -1.78 26.92
N ASP A 89 -33.43 -2.41 28.07
CA ASP A 89 -34.14 -3.69 28.08
C ASP A 89 -35.52 -3.57 27.49
N PHE A 90 -36.11 -2.38 27.59
CA PHE A 90 -37.44 -2.15 27.04
C PHE A 90 -37.37 -2.04 25.52
N ILE A 91 -36.32 -1.41 25.03
CA ILE A 91 -36.07 -1.32 23.60
C ILE A 91 -35.75 -2.72 23.03
N LYS A 92 -34.79 -3.41 23.65
CA LYS A 92 -34.41 -4.75 23.21
C LYS A 92 -35.64 -5.63 23.10
N SER A 93 -36.40 -5.70 24.19
CA SER A 93 -37.63 -6.49 24.22
C SER A 93 -38.57 -6.10 23.08
N GLU A 94 -38.74 -4.79 22.88
CA GLU A 94 -39.74 -4.27 21.96
C GLU A 94 -39.35 -4.50 20.49
N CYS A 95 -38.05 -4.45 20.21
CA CYS A 95 -37.51 -4.73 18.88
C CYS A 95 -37.75 -6.19 18.47
N LEU A 96 -37.11 -7.12 19.16
CA LEU A 96 -37.24 -8.55 18.85
C LEU A 96 -38.70 -9.01 18.78
N ASN A 97 -39.57 -8.36 19.52
CA ASN A 97 -41.00 -8.70 19.48
C ASN A 97 -41.72 -8.16 18.24
N ASN A 98 -41.09 -7.22 17.54
CA ASN A 98 -41.72 -6.62 16.35
C ASN A 98 -40.90 -6.78 15.05
N ILE A 99 -39.87 -7.63 15.13
CA ILE A 99 -38.93 -7.89 14.05
C ILE A 99 -39.57 -8.28 12.70
N GLY A 100 -40.80 -8.80 12.75
CA GLY A 100 -41.48 -9.25 11.55
C GLY A 100 -42.75 -8.47 11.24
N ASP A 101 -42.71 -7.16 11.48
CA ASP A 101 -43.88 -6.31 11.24
C ASP A 101 -44.26 -6.28 9.78
N SER A 102 -45.54 -6.42 9.49
CA SER A 102 -46.05 -6.49 8.11
C SER A 102 -45.75 -5.26 7.25
N SER A 103 -45.36 -4.16 7.88
CA SER A 103 -44.86 -3.01 7.15
C SER A 103 -43.37 -3.19 6.90
N PRO A 104 -42.95 -3.11 5.63
CA PRO A 104 -41.53 -3.20 5.31
C PRO A 104 -40.70 -2.07 5.91
N LEU A 105 -41.24 -0.85 5.93
CA LEU A 105 -40.53 0.29 6.51
C LEU A 105 -40.31 0.16 8.03
N ILE A 106 -41.36 -0.26 8.75
CA ILE A 106 -41.25 -0.55 10.18
C ILE A 106 -40.22 -1.66 10.39
N ARG A 107 -40.35 -2.74 9.61
CA ARG A 107 -39.43 -3.88 9.70
C ARG A 107 -37.98 -3.44 9.54
N ALA A 108 -37.70 -2.63 8.52
CA ALA A 108 -36.36 -2.12 8.28
C ALA A 108 -35.87 -1.26 9.44
N THR A 109 -36.76 -0.41 9.96
CA THR A 109 -36.40 0.47 11.06
C THR A 109 -36.06 -0.35 12.31
N VAL A 110 -36.93 -1.29 12.68
CA VAL A 110 -36.65 -2.21 13.78
C VAL A 110 -35.31 -2.90 13.60
N GLY A 111 -35.04 -3.31 12.36
CA GLY A 111 -33.81 -4.01 11.99
C GLY A 111 -32.55 -3.19 12.22
N ILE A 112 -32.54 -1.95 11.71
CA ILE A 112 -31.37 -1.07 11.91
C ILE A 112 -31.13 -0.87 13.41
N LEU A 113 -32.21 -0.78 14.17
CA LEU A 113 -32.14 -0.59 15.62
C LEU A 113 -31.42 -1.77 16.29
N ILE A 114 -31.95 -2.99 16.10
CA ILE A 114 -31.30 -4.20 16.60
C ILE A 114 -29.82 -4.23 16.26
N THR A 115 -29.51 -4.16 14.97
CA THR A 115 -28.12 -4.30 14.53
C THR A 115 -27.25 -3.17 15.04
N THR A 116 -27.80 -1.96 15.15
CA THR A 116 -27.04 -0.81 15.65
C THR A 116 -26.78 -0.97 17.15
N ILE A 117 -27.77 -1.50 17.85
CA ILE A 117 -27.59 -1.79 19.26
C ILE A 117 -26.45 -2.79 19.42
N ALA A 118 -26.58 -3.97 18.81
CA ALA A 118 -25.52 -4.98 18.84
C ALA A 118 -24.15 -4.39 18.52
N SER A 119 -24.10 -3.57 17.48
CA SER A 119 -22.89 -2.88 17.07
C SER A 119 -22.29 -2.01 18.18
N LYS A 120 -22.93 -0.88 18.45
CA LYS A 120 -22.33 0.21 19.24
C LYS A 120 -22.00 -0.17 20.66
N GLY A 121 -22.90 -0.87 21.34
CA GLY A 121 -22.68 -1.18 22.74
C GLY A 121 -22.71 -2.65 23.04
N GLU A 122 -23.76 -3.31 22.56
CA GLU A 122 -24.11 -4.66 22.98
C GLU A 122 -23.03 -5.71 22.84
N LEU A 123 -21.99 -5.44 22.05
CA LEU A 123 -20.87 -6.36 21.94
C LEU A 123 -21.27 -7.76 22.49
N GLN A 124 -20.83 -8.06 23.71
CA GLN A 124 -21.23 -9.26 24.46
C GLN A 124 -22.35 -8.96 25.47
N ASN A 125 -22.56 -7.66 25.72
CA ASN A 125 -23.57 -7.15 26.66
C ASN A 125 -25.02 -7.55 26.37
N TRP A 126 -25.27 -8.11 25.19
CA TRP A 126 -26.56 -8.68 24.84
C TRP A 126 -26.37 -10.15 24.68
N PRO A 127 -26.37 -10.88 25.80
CA PRO A 127 -25.93 -12.28 25.81
C PRO A 127 -26.85 -13.22 25.04
N ASP A 128 -28.12 -12.84 24.93
CA ASP A 128 -29.12 -13.75 24.39
C ASP A 128 -29.75 -13.24 23.08
N LEU A 129 -29.10 -12.26 22.46
CA LEU A 129 -29.54 -11.80 21.14
C LEU A 129 -29.41 -12.92 20.12
N LEU A 130 -28.18 -13.36 19.89
CA LEU A 130 -27.90 -14.40 18.91
C LEU A 130 -28.78 -15.63 19.13
N PRO A 131 -28.80 -16.20 20.37
CA PRO A 131 -29.64 -17.38 20.64
C PRO A 131 -31.12 -17.18 20.30
N LYS A 132 -31.70 -16.05 20.70
CA LYS A 132 -33.10 -15.79 20.39
C LYS A 132 -33.29 -15.60 18.88
N LEU A 133 -32.38 -14.84 18.28
CA LEU A 133 -32.39 -14.58 16.85
C LEU A 133 -32.38 -15.87 16.02
N CYS A 134 -31.47 -16.79 16.36
CA CYS A 134 -31.40 -18.11 15.73
C CYS A 134 -32.73 -18.87 15.80
N SER A 135 -33.29 -18.97 17.00
CA SER A 135 -34.56 -19.65 17.23
C SER A 135 -35.70 -18.97 16.48
N LEU A 136 -35.55 -17.66 16.31
CA LEU A 136 -36.51 -16.88 15.52
C LEU A 136 -36.51 -17.24 14.03
N LEU A 137 -35.46 -17.92 13.57
CA LEU A 137 -35.43 -18.49 12.22
C LEU A 137 -36.46 -19.61 12.07
N ASP A 138 -36.60 -20.42 13.13
CA ASP A 138 -37.50 -21.58 13.14
C ASP A 138 -38.97 -21.18 13.14
N SER A 139 -39.23 -19.90 13.43
CA SER A 139 -40.60 -19.38 13.55
C SER A 139 -41.46 -19.62 12.31
N GLU A 140 -42.75 -19.35 12.47
CA GLU A 140 -43.74 -19.61 11.42
C GLU A 140 -43.81 -18.47 10.42
N ASP A 141 -44.16 -17.28 10.89
CA ASP A 141 -44.44 -16.12 10.02
C ASP A 141 -43.24 -15.77 9.13
N TYR A 142 -43.50 -15.63 7.83
CA TYR A 142 -42.44 -15.38 6.85
C TYR A 142 -41.58 -14.17 7.24
N ASN A 143 -42.25 -13.03 7.41
CA ASN A 143 -41.58 -11.77 7.77
C ASN A 143 -40.68 -11.90 8.98
N THR A 144 -41.11 -12.73 9.92
CA THR A 144 -40.39 -12.95 11.17
C THR A 144 -39.01 -13.59 10.92
N CYS A 145 -39.00 -14.66 10.13
CA CYS A 145 -37.73 -15.34 9.80
C CYS A 145 -36.86 -14.46 8.89
N GLU A 146 -37.49 -13.82 7.91
CA GLU A 146 -36.82 -12.84 7.05
C GLU A 146 -36.13 -11.73 7.87
N GLY A 147 -36.89 -11.13 8.78
CA GLY A 147 -36.38 -10.06 9.65
C GLY A 147 -35.21 -10.51 10.48
N ALA A 148 -35.34 -11.71 11.05
CA ALA A 148 -34.28 -12.27 11.89
C ALA A 148 -33.00 -12.55 11.08
N PHE A 149 -33.15 -13.15 9.91
CA PHE A 149 -32.00 -13.41 9.02
C PHE A 149 -31.26 -12.12 8.62
N GLY A 150 -32.05 -11.11 8.25
CA GLY A 150 -31.52 -9.79 7.88
C GLY A 150 -30.62 -9.27 8.96
N ALA A 151 -31.08 -9.42 10.20
CA ALA A 151 -30.32 -8.98 11.37
C ALA A 151 -29.01 -9.74 11.50
N LEU A 152 -29.12 -11.07 11.47
CA LEU A 152 -27.95 -11.94 11.55
C LEU A 152 -26.89 -11.61 10.50
N GLN A 153 -27.35 -11.47 9.25
CA GLN A 153 -26.47 -11.15 8.12
C GLN A 153 -25.65 -9.91 8.42
N LYS A 154 -26.34 -8.85 8.84
CA LYS A 154 -25.69 -7.60 9.20
C LYS A 154 -24.71 -7.77 10.37
N ILE A 155 -25.11 -8.57 11.37
CA ILE A 155 -24.23 -8.79 12.52
C ILE A 155 -22.93 -9.42 12.04
N CYS A 156 -23.04 -10.48 11.23
CA CYS A 156 -21.86 -11.10 10.66
C CYS A 156 -21.00 -10.17 9.81
N GLU A 157 -21.62 -9.21 9.14
CA GLU A 157 -20.86 -8.32 8.28
C GLU A 157 -19.87 -7.44 9.06
N ASP A 158 -20.35 -6.69 10.06
CA ASP A 158 -19.46 -5.84 10.85
C ASP A 158 -18.88 -6.55 12.08
N SER A 159 -19.52 -7.63 12.50
CA SER A 159 -19.07 -8.38 13.68
C SER A 159 -18.11 -9.52 13.36
N ALA A 160 -17.98 -9.85 12.07
CA ALA A 160 -17.21 -11.02 11.63
C ALA A 160 -15.92 -11.15 12.41
N GLU A 161 -15.78 -12.30 13.06
CA GLU A 161 -14.68 -12.61 13.96
C GLU A 161 -15.24 -13.04 15.30
N ILE A 162 -16.55 -12.87 15.47
CA ILE A 162 -17.25 -13.33 16.67
C ILE A 162 -16.72 -14.70 17.11
N LEU A 163 -16.28 -15.51 16.14
CA LEU A 163 -15.64 -16.80 16.42
C LEU A 163 -14.19 -16.63 16.83
N ASP A 164 -13.40 -16.03 15.94
CA ASP A 164 -11.95 -15.90 16.11
C ASP A 164 -11.56 -15.15 17.38
N SER A 165 -12.45 -14.29 17.87
CA SER A 165 -12.23 -13.53 19.11
C SER A 165 -12.53 -14.37 20.36
N ASP A 166 -13.73 -14.96 20.39
CA ASP A 166 -14.21 -15.74 21.54
C ASP A 166 -14.40 -14.88 22.80
N VAL A 167 -14.97 -13.70 22.64
CA VAL A 167 -15.32 -12.83 23.77
C VAL A 167 -16.66 -13.32 24.37
N LEU A 168 -17.53 -13.85 23.52
CA LEU A 168 -18.63 -14.71 23.99
C LEU A 168 -18.14 -16.14 23.91
N ASP A 169 -18.75 -17.05 24.69
CA ASP A 169 -18.37 -18.46 24.65
C ASP A 169 -18.69 -19.08 23.28
N ARG A 170 -17.63 -19.25 22.48
CA ARG A 170 -17.70 -19.75 21.09
C ARG A 170 -19.14 -19.88 20.53
N PRO A 171 -19.72 -18.75 20.08
CA PRO A 171 -21.12 -18.70 19.63
C PRO A 171 -21.36 -19.20 18.21
N LEU A 172 -20.32 -19.19 17.40
CA LEU A 172 -20.41 -19.57 15.99
C LEU A 172 -20.56 -21.06 15.77
N ASN A 173 -20.19 -21.84 16.79
CA ASN A 173 -20.30 -23.30 16.77
C ASN A 173 -21.78 -23.75 16.78
N ILE A 174 -22.67 -22.77 16.86
CA ILE A 174 -24.09 -23.03 16.88
C ILE A 174 -24.71 -22.44 15.62
N MET A 175 -24.34 -21.21 15.29
CA MET A 175 -24.97 -20.47 14.18
C MET A 175 -24.72 -21.08 12.77
N ILE A 176 -23.45 -21.31 12.42
CA ILE A 176 -23.04 -21.79 11.07
C ILE A 176 -23.74 -23.09 10.69
N PRO A 177 -23.64 -24.14 11.55
CA PRO A 177 -24.37 -25.36 11.23
C PRO A 177 -25.88 -25.14 11.14
N LYS A 178 -26.35 -23.92 11.43
CA LYS A 178 -27.79 -23.64 11.41
C LYS A 178 -28.24 -22.97 10.12
N PHE A 179 -27.35 -22.23 9.47
CA PHE A 179 -27.72 -21.54 8.23
C PHE A 179 -28.01 -22.47 7.06
N LEU A 180 -27.14 -23.47 6.86
CA LEU A 180 -27.24 -24.33 5.67
C LEU A 180 -28.53 -25.14 5.54
N GLN A 181 -29.31 -25.21 6.62
CA GLN A 181 -30.62 -25.87 6.55
C GLN A 181 -31.53 -25.02 5.70
N PHE A 182 -31.22 -23.73 5.65
CA PHE A 182 -32.06 -22.75 4.98
C PHE A 182 -31.62 -22.48 3.55
N PHE A 183 -30.48 -23.05 3.16
CA PHE A 183 -30.09 -23.14 1.75
C PHE A 183 -31.25 -23.78 0.97
N LYS A 184 -31.79 -24.85 1.54
CA LYS A 184 -32.92 -25.59 0.96
C LYS A 184 -34.20 -24.76 0.81
N HIS A 185 -34.29 -23.66 1.56
CA HIS A 185 -35.51 -22.86 1.69
C HIS A 185 -36.15 -22.41 0.41
N SER A 186 -37.48 -22.38 0.43
CA SER A 186 -38.32 -22.07 -0.72
C SER A 186 -38.18 -20.66 -1.29
N SER A 187 -37.85 -19.68 -0.44
CA SER A 187 -37.76 -18.28 -0.87
C SER A 187 -36.34 -17.81 -1.16
N PRO A 188 -36.17 -17.08 -2.28
CA PRO A 188 -34.86 -16.56 -2.70
C PRO A 188 -34.15 -15.69 -1.63
N LYS A 189 -34.89 -14.78 -1.01
CA LYS A 189 -34.32 -13.89 0.01
C LYS A 189 -33.62 -14.67 1.10
N ILE A 190 -34.29 -15.71 1.60
CA ILE A 190 -33.78 -16.47 2.73
C ILE A 190 -32.53 -17.25 2.34
N ARG A 191 -32.56 -17.85 1.15
CA ARG A 191 -31.39 -18.55 0.63
C ARG A 191 -30.19 -17.60 0.67
N SER A 192 -30.37 -16.41 0.10
CA SER A 192 -29.31 -15.39 0.04
C SER A 192 -28.74 -15.10 1.42
N HIS A 193 -29.62 -14.77 2.36
CA HIS A 193 -29.19 -14.46 3.73
C HIS A 193 -28.32 -15.57 4.25
N ALA A 194 -28.82 -16.79 4.13
CA ALA A 194 -28.12 -17.99 4.60
C ALA A 194 -26.69 -18.06 4.06
N VAL A 195 -26.56 -17.94 2.75
CA VAL A 195 -25.24 -18.02 2.09
C VAL A 195 -24.38 -16.82 2.48
N ALA A 196 -24.96 -15.63 2.38
CA ALA A 196 -24.24 -14.40 2.71
C ALA A 196 -23.68 -14.45 4.13
N CYS A 197 -24.39 -15.14 5.01
CA CYS A 197 -23.92 -15.34 6.37
C CYS A 197 -22.69 -16.23 6.43
N VAL A 198 -22.85 -17.49 6.02
CA VAL A 198 -21.74 -18.45 5.98
C VAL A 198 -20.49 -17.80 5.36
N ASN A 199 -20.69 -17.14 4.23
CA ASN A 199 -19.61 -16.50 3.48
C ASN A 199 -18.68 -15.64 4.32
N GLN A 200 -19.22 -15.07 5.40
CA GLN A 200 -18.45 -14.18 6.27
C GLN A 200 -17.28 -14.85 6.98
N PHE A 201 -17.29 -16.17 7.02
CA PHE A 201 -16.36 -16.89 7.85
C PHE A 201 -15.46 -17.86 7.10
N ILE A 202 -15.33 -17.62 5.79
CA ILE A 202 -14.52 -18.49 4.94
C ILE A 202 -13.06 -18.12 5.03
N ILE A 203 -12.68 -16.90 4.65
CA ILE A 203 -11.27 -16.51 4.58
C ILE A 203 -10.60 -16.55 5.95
N SER A 204 -11.41 -16.41 6.99
CA SER A 204 -10.95 -16.52 8.37
C SER A 204 -10.58 -17.96 8.75
N ARG A 205 -10.95 -18.91 7.89
CA ARG A 205 -10.75 -20.35 8.14
C ARG A 205 -11.44 -20.75 9.43
N THR A 206 -12.72 -20.39 9.53
CA THR A 206 -13.46 -20.52 10.78
C THR A 206 -13.74 -21.98 11.17
N GLN A 207 -13.15 -22.36 12.32
CA GLN A 207 -13.29 -23.67 12.93
C GLN A 207 -14.64 -24.32 12.67
N ALA A 208 -15.71 -23.66 13.11
CA ALA A 208 -17.08 -24.16 12.91
C ALA A 208 -17.40 -24.50 11.46
N LEU A 209 -16.81 -23.74 10.52
CA LEU A 209 -17.10 -23.94 9.11
C LEU A 209 -16.20 -25.00 8.50
N MET A 210 -14.90 -24.93 8.82
CA MET A 210 -13.87 -25.83 8.27
C MET A 210 -14.13 -27.30 8.54
N LEU A 211 -14.73 -27.58 9.69
CA LEU A 211 -15.09 -28.93 10.07
C LEU A 211 -16.55 -29.20 9.66
N HIS A 212 -17.10 -28.34 8.80
CA HIS A 212 -18.44 -28.53 8.25
C HIS A 212 -18.43 -28.33 6.75
N ILE A 213 -17.22 -28.27 6.22
CA ILE A 213 -16.95 -27.89 4.83
C ILE A 213 -17.69 -28.68 3.75
N ASP A 214 -17.85 -29.99 3.95
CA ASP A 214 -18.53 -30.88 3.00
C ASP A 214 -19.99 -30.54 2.83
N SER A 215 -20.65 -30.26 3.96
CA SER A 215 -22.07 -29.92 3.99
C SER A 215 -22.31 -28.63 3.24
N PHE A 216 -21.41 -27.69 3.46
CA PHE A 216 -21.42 -26.41 2.77
C PHE A 216 -21.35 -26.61 1.26
N ILE A 217 -20.23 -27.19 0.82
CA ILE A 217 -19.94 -27.42 -0.61
C ILE A 217 -21.05 -28.17 -1.36
N GLU A 218 -21.58 -29.22 -0.73
CA GLU A 218 -22.69 -29.99 -1.30
C GLU A 218 -23.91 -29.10 -1.51
N ASN A 219 -24.22 -28.31 -0.50
CA ASN A 219 -25.36 -27.40 -0.53
C ASN A 219 -25.20 -26.25 -1.51
N LEU A 220 -23.96 -25.76 -1.65
CA LEU A 220 -23.64 -24.79 -2.69
C LEU A 220 -23.97 -25.32 -4.08
N PHE A 221 -23.48 -26.53 -4.41
CA PHE A 221 -23.77 -27.14 -5.72
C PHE A 221 -25.25 -27.26 -5.96
N ALA A 222 -25.98 -27.71 -4.94
CA ALA A 222 -27.42 -27.85 -5.03
C ALA A 222 -28.04 -26.53 -5.50
N LEU A 223 -27.32 -25.43 -5.30
CA LEU A 223 -27.81 -24.10 -5.69
C LEU A 223 -27.40 -23.64 -7.08
N ALA A 224 -26.35 -24.25 -7.63
CA ALA A 224 -25.84 -23.91 -8.97
C ALA A 224 -26.95 -23.65 -10.00
N GLY A 225 -28.00 -24.47 -9.96
CA GLY A 225 -29.13 -24.35 -10.90
C GLY A 225 -30.07 -23.18 -10.69
N ASP A 226 -29.84 -22.39 -9.63
CA ASP A 226 -30.76 -21.32 -9.28
C ASP A 226 -30.56 -20.09 -10.17
N GLU A 227 -31.68 -19.51 -10.60
CA GLU A 227 -31.66 -18.40 -11.53
C GLU A 227 -31.90 -17.04 -10.87
N GLU A 228 -32.14 -17.05 -9.56
CA GLU A 228 -32.32 -15.82 -8.80
C GLU A 228 -30.98 -15.12 -8.57
N PRO A 229 -30.82 -13.90 -9.13
CA PRO A 229 -29.56 -13.15 -9.15
C PRO A 229 -28.86 -13.07 -7.79
N GLU A 230 -29.61 -12.70 -6.76
CA GLU A 230 -29.06 -12.56 -5.41
C GLU A 230 -28.43 -13.86 -4.91
N VAL A 231 -29.07 -14.98 -5.25
CA VAL A 231 -28.54 -16.30 -4.91
C VAL A 231 -27.29 -16.62 -5.73
N ARG A 232 -27.36 -16.38 -7.03
CA ARG A 232 -26.22 -16.56 -7.93
C ARG A 232 -25.02 -15.77 -7.43
N LYS A 233 -25.26 -14.48 -7.15
CA LYS A 233 -24.24 -13.60 -6.63
C LYS A 233 -23.52 -14.20 -5.40
N ASN A 234 -24.30 -14.67 -4.44
CA ASN A 234 -23.73 -15.25 -3.22
C ASN A 234 -23.02 -16.58 -3.42
N VAL A 235 -23.61 -17.46 -4.23
CA VAL A 235 -22.94 -18.72 -4.59
C VAL A 235 -21.59 -18.41 -5.23
N CYS A 236 -21.60 -17.48 -6.18
CA CYS A 236 -20.38 -17.07 -6.86
C CYS A 236 -19.28 -16.67 -5.89
N ARG A 237 -19.60 -15.82 -4.91
CA ARG A 237 -18.54 -15.37 -4.00
C ARG A 237 -18.13 -16.39 -2.97
N ALA A 238 -19.03 -17.33 -2.68
CA ALA A 238 -18.68 -18.50 -1.90
C ALA A 238 -17.53 -19.24 -2.59
N LEU A 239 -17.76 -19.63 -3.85
CA LEU A 239 -16.77 -20.38 -4.60
C LEU A 239 -15.45 -19.64 -4.67
N VAL A 240 -15.49 -18.33 -4.93
CA VAL A 240 -14.27 -17.52 -4.98
C VAL A 240 -13.48 -17.64 -3.69
N MET A 241 -14.16 -17.46 -2.56
CA MET A 241 -13.51 -17.50 -1.26
C MET A 241 -12.97 -18.89 -0.96
N LEU A 242 -13.81 -19.91 -1.20
CA LEU A 242 -13.41 -21.30 -1.05
C LEU A 242 -12.14 -21.64 -1.82
N LEU A 243 -12.05 -21.11 -3.02
CA LEU A 243 -10.90 -21.34 -3.88
C LEU A 243 -9.61 -20.87 -3.20
N GLU A 244 -9.72 -19.84 -2.38
CA GLU A 244 -8.54 -19.28 -1.74
C GLU A 244 -8.07 -20.08 -0.53
N VAL A 245 -9.00 -20.76 0.14
CA VAL A 245 -8.69 -21.37 1.46
C VAL A 245 -8.91 -22.88 1.54
N ARG A 246 -9.87 -23.39 0.78
CA ARG A 246 -10.13 -24.82 0.71
C ARG A 246 -9.93 -25.38 -0.72
N MET A 247 -8.73 -25.16 -1.26
CA MET A 247 -8.39 -25.67 -2.58
C MET A 247 -8.61 -27.19 -2.65
N ASP A 248 -8.04 -27.90 -1.67
CA ASP A 248 -8.19 -29.36 -1.55
C ASP A 248 -9.62 -29.83 -1.83
N ARG A 249 -10.58 -29.15 -1.23
CA ARG A 249 -11.98 -29.58 -1.27
C ARG A 249 -12.67 -29.50 -2.62
N LEU A 250 -12.22 -28.62 -3.52
CA LEU A 250 -12.96 -28.48 -4.78
C LEU A 250 -12.32 -28.97 -6.10
N LEU A 251 -11.05 -29.40 -6.05
CA LEU A 251 -10.40 -30.03 -7.23
C LEU A 251 -11.30 -31.02 -7.96
N PRO A 252 -11.79 -32.07 -7.28
CA PRO A 252 -12.64 -33.08 -7.93
C PRO A 252 -13.84 -32.53 -8.73
N HIS A 253 -14.19 -31.27 -8.52
CA HIS A 253 -15.34 -30.68 -9.23
C HIS A 253 -14.93 -29.51 -10.07
N MET A 254 -13.61 -29.30 -10.16
CA MET A 254 -13.07 -28.13 -10.80
C MET A 254 -13.58 -27.89 -12.22
N HIS A 255 -13.65 -28.93 -13.05
CA HIS A 255 -14.17 -28.76 -14.41
C HIS A 255 -15.55 -28.17 -14.38
N ASN A 256 -16.44 -28.76 -13.60
CA ASN A 256 -17.80 -28.25 -13.47
C ASN A 256 -17.85 -26.84 -12.88
N ILE A 257 -16.91 -26.53 -11.99
CA ILE A 257 -16.90 -25.21 -11.36
C ILE A 257 -16.50 -24.14 -12.41
N VAL A 258 -15.37 -24.38 -13.07
CA VAL A 258 -14.94 -23.53 -14.16
C VAL A 258 -16.05 -23.33 -15.22
N GLU A 259 -16.74 -24.41 -15.58
CA GLU A 259 -17.85 -24.29 -16.54
C GLU A 259 -18.89 -23.32 -16.00
N TYR A 260 -19.23 -23.48 -14.73
CA TYR A 260 -20.22 -22.64 -14.08
C TYR A 260 -19.78 -21.17 -14.04
N MET A 261 -18.57 -20.94 -13.54
CA MET A 261 -18.06 -19.57 -13.43
C MET A 261 -17.95 -18.87 -14.78
N LEU A 262 -17.50 -19.61 -15.78
CA LEU A 262 -17.40 -19.09 -17.14
C LEU A 262 -18.76 -18.70 -17.72
N GLN A 263 -19.80 -19.47 -17.39
CA GLN A 263 -21.16 -19.08 -17.77
C GLN A 263 -21.59 -17.77 -17.10
N ARG A 264 -21.43 -17.70 -15.77
CA ARG A 264 -21.85 -16.53 -15.00
C ARG A 264 -21.08 -15.26 -15.36
N THR A 265 -19.79 -15.42 -15.69
CA THR A 265 -18.99 -14.28 -16.11
C THR A 265 -19.63 -13.61 -17.33
N GLN A 266 -20.38 -14.39 -18.11
CA GLN A 266 -21.03 -13.89 -19.31
C GLN A 266 -22.48 -13.51 -19.04
N ASP A 267 -22.88 -13.56 -17.78
CA ASP A 267 -24.23 -13.21 -17.40
C ASP A 267 -24.53 -11.78 -17.82
N GLN A 268 -25.75 -11.56 -18.29
CA GLN A 268 -26.23 -10.25 -18.70
C GLN A 268 -26.40 -9.31 -17.49
N ASP A 269 -26.64 -9.87 -16.31
CA ASP A 269 -26.67 -9.07 -15.08
C ASP A 269 -25.25 -8.76 -14.58
N GLU A 270 -24.89 -7.47 -14.66
CA GLU A 270 -23.57 -6.94 -14.30
C GLU A 270 -22.97 -7.40 -12.98
N ASN A 271 -23.82 -7.57 -11.97
CA ASN A 271 -23.37 -7.93 -10.62
C ASN A 271 -22.96 -9.38 -10.52
N VAL A 272 -23.73 -10.26 -11.15
CA VAL A 272 -23.39 -11.68 -11.20
C VAL A 272 -22.02 -11.79 -11.86
N ALA A 273 -21.93 -11.19 -13.05
CA ALA A 273 -20.70 -11.26 -13.84
C ALA A 273 -19.48 -10.79 -13.04
N LEU A 274 -19.62 -9.69 -12.30
CA LEU A 274 -18.51 -9.19 -11.49
C LEU A 274 -18.08 -10.16 -10.40
N GLU A 275 -19.03 -10.74 -9.68
CA GLU A 275 -18.68 -11.74 -8.66
C GLU A 275 -18.09 -12.99 -9.34
N ALA A 276 -18.65 -13.38 -10.47
CA ALA A 276 -18.11 -14.50 -11.23
C ALA A 276 -16.68 -14.19 -11.67
N CYS A 277 -16.47 -13.00 -12.23
CA CYS A 277 -15.14 -12.65 -12.74
C CYS A 277 -14.01 -12.69 -11.72
N GLU A 278 -14.33 -12.50 -10.44
CA GLU A 278 -13.32 -12.58 -9.35
C GLU A 278 -12.67 -13.95 -9.28
N PHE A 279 -13.39 -14.98 -9.72
CA PHE A 279 -12.88 -16.33 -9.72
C PHE A 279 -11.56 -16.43 -10.47
N TRP A 280 -11.49 -15.77 -11.62
CA TRP A 280 -10.32 -15.86 -12.50
C TRP A 280 -9.15 -15.18 -11.89
N LEU A 281 -9.44 -14.05 -11.24
CA LEU A 281 -8.44 -13.27 -10.54
C LEU A 281 -7.76 -14.10 -9.47
N THR A 282 -8.55 -14.78 -8.63
CA THR A 282 -7.95 -15.54 -7.53
C THR A 282 -7.40 -16.92 -7.99
N LEU A 283 -8.06 -17.54 -8.97
CA LEU A 283 -7.53 -18.76 -9.60
C LEU A 283 -6.13 -18.57 -10.15
N ALA A 284 -5.87 -17.42 -10.75
CA ALA A 284 -4.55 -17.11 -11.31
C ALA A 284 -3.42 -17.03 -10.27
N GLU A 285 -3.77 -16.96 -8.99
CA GLU A 285 -2.77 -16.94 -7.90
C GLU A 285 -2.33 -18.32 -7.47
N GLN A 286 -3.18 -19.31 -7.74
CA GLN A 286 -2.92 -20.70 -7.38
C GLN A 286 -1.98 -21.38 -8.37
N PRO A 287 -1.03 -22.19 -7.87
CA PRO A 287 -0.06 -22.89 -8.74
C PRO A 287 -0.71 -23.92 -9.69
N ILE A 288 -1.92 -24.35 -9.38
CA ILE A 288 -2.61 -25.33 -10.22
C ILE A 288 -3.43 -24.68 -11.37
N CYS A 289 -3.21 -23.39 -11.59
CA CYS A 289 -3.99 -22.62 -12.57
C CYS A 289 -3.95 -23.16 -14.01
N LYS A 290 -2.74 -23.30 -14.56
CA LYS A 290 -2.59 -23.83 -15.92
C LYS A 290 -3.36 -25.13 -16.15
N ASP A 291 -3.16 -26.12 -15.27
CA ASP A 291 -3.81 -27.44 -15.38
C ASP A 291 -5.33 -27.37 -15.41
N VAL A 292 -5.87 -26.49 -14.59
CA VAL A 292 -7.29 -26.38 -14.38
C VAL A 292 -8.00 -25.69 -15.55
N LEU A 293 -7.27 -24.84 -16.27
CA LEU A 293 -7.85 -24.03 -17.34
C LEU A 293 -7.85 -24.63 -18.75
N VAL A 294 -7.02 -25.66 -18.94
CA VAL A 294 -6.75 -26.27 -20.25
C VAL A 294 -7.97 -26.48 -21.15
N ARG A 295 -9.11 -26.83 -20.58
CA ARG A 295 -10.29 -27.08 -21.38
C ARG A 295 -11.10 -25.81 -21.71
N HIS A 296 -10.75 -24.69 -21.07
CA HIS A 296 -11.60 -23.49 -21.05
C HIS A 296 -10.89 -22.20 -21.40
N LEU A 297 -9.58 -22.18 -21.23
CA LEU A 297 -8.78 -21.01 -21.58
C LEU A 297 -9.13 -20.31 -22.90
N PRO A 298 -9.31 -21.08 -24.00
CA PRO A 298 -9.65 -20.44 -25.27
C PRO A 298 -10.91 -19.57 -25.24
N LYS A 299 -11.90 -19.96 -24.45
CA LYS A 299 -13.10 -19.14 -24.31
C LYS A 299 -12.90 -18.01 -23.28
N LEU A 300 -12.13 -18.29 -22.23
CA LEU A 300 -11.96 -17.34 -21.13
C LEU A 300 -11.34 -16.00 -21.59
N ILE A 301 -10.27 -16.09 -22.36
CA ILE A 301 -9.57 -14.89 -22.80
C ILE A 301 -10.49 -13.90 -23.55
N PRO A 302 -11.23 -14.37 -24.57
CA PRO A 302 -12.14 -13.46 -25.28
C PRO A 302 -13.23 -12.92 -24.39
N VAL A 303 -13.66 -13.73 -23.44
CA VAL A 303 -14.68 -13.32 -22.49
C VAL A 303 -14.16 -12.21 -21.58
N LEU A 304 -12.94 -12.38 -21.05
CA LEU A 304 -12.27 -11.33 -20.27
C LEU A 304 -12.11 -10.08 -21.11
N VAL A 305 -11.56 -10.25 -22.30
CA VAL A 305 -11.33 -9.14 -23.21
C VAL A 305 -12.63 -8.35 -23.48
N ASN A 306 -13.75 -9.05 -23.57
CA ASN A 306 -15.00 -8.39 -23.95
C ASN A 306 -15.55 -7.56 -22.78
N GLY A 307 -15.45 -8.11 -21.57
CA GLY A 307 -15.81 -7.39 -20.34
C GLY A 307 -14.93 -6.19 -19.98
N MET A 308 -13.84 -5.97 -20.72
CA MET A 308 -12.92 -4.87 -20.45
C MET A 308 -13.31 -3.59 -21.15
N LYS A 309 -14.36 -3.65 -21.97
CA LYS A 309 -14.93 -2.44 -22.54
C LYS A 309 -15.63 -1.67 -21.44
N TYR A 310 -15.62 -0.35 -21.52
CA TYR A 310 -16.45 0.45 -20.63
C TYR A 310 -17.89 0.02 -20.78
N SER A 311 -18.64 -0.01 -19.68
CA SER A 311 -20.08 -0.29 -19.75
C SER A 311 -20.75 0.89 -20.39
N ASP A 312 -21.97 0.67 -20.88
CA ASP A 312 -22.74 1.73 -21.51
C ASP A 312 -23.01 2.95 -20.62
N ILE A 313 -23.31 2.71 -19.34
CA ILE A 313 -23.55 3.81 -18.38
C ILE A 313 -22.27 4.62 -18.10
N ASP A 314 -21.17 3.91 -17.89
CA ASP A 314 -19.90 4.57 -17.64
C ASP A 314 -19.47 5.46 -18.79
N ILE A 315 -19.68 4.99 -20.02
CA ILE A 315 -19.43 5.80 -21.20
C ILE A 315 -20.18 7.13 -21.09
N ILE A 316 -21.45 7.06 -20.71
CA ILE A 316 -22.29 8.24 -20.60
C ILE A 316 -21.84 9.13 -19.44
N LEU A 317 -21.59 8.51 -18.29
CA LEU A 317 -21.11 9.24 -17.13
C LEU A 317 -19.79 9.95 -17.41
N LEU A 318 -18.83 9.24 -18.01
CA LEU A 318 -17.48 9.78 -18.22
C LEU A 318 -17.42 10.90 -19.27
N LYS A 319 -18.46 11.00 -20.09
CA LYS A 319 -18.62 12.12 -21.01
C LYS A 319 -18.94 13.42 -20.26
N GLY A 320 -19.74 13.30 -19.20
CA GLY A 320 -20.18 14.44 -18.39
C GLY A 320 -19.60 14.46 -16.99
N SER A 333 -13.89 6.52 -9.09
CA SER A 333 -14.40 5.36 -9.82
C SER A 333 -13.97 4.07 -9.10
N ASP A 334 -14.94 3.16 -8.93
CA ASP A 334 -14.69 1.95 -8.15
C ASP A 334 -14.76 0.62 -8.94
N TRP A 335 -14.67 -0.49 -8.21
CA TRP A 335 -14.51 -1.82 -8.76
C TRP A 335 -15.68 -2.23 -9.61
N ASN A 336 -15.39 -2.67 -10.84
CA ASN A 336 -16.43 -3.13 -11.78
C ASN A 336 -15.95 -4.29 -12.65
N LEU A 337 -16.82 -4.78 -13.54
CA LEU A 337 -16.47 -5.88 -14.44
C LEU A 337 -15.20 -5.56 -15.24
N ARG A 338 -15.15 -4.36 -15.83
CA ARG A 338 -13.99 -3.93 -16.61
C ARG A 338 -12.70 -4.09 -15.81
N LYS A 339 -12.66 -3.56 -14.59
CA LYS A 339 -11.40 -3.60 -13.80
C LYS A 339 -11.04 -5.02 -13.43
N CYS A 340 -12.04 -5.81 -13.04
CA CYS A 340 -11.80 -7.18 -12.63
C CYS A 340 -11.24 -7.97 -13.83
N SER A 341 -11.93 -7.88 -14.97
CA SER A 341 -11.47 -8.54 -16.18
C SER A 341 -10.03 -8.12 -16.55
N ALA A 342 -9.75 -6.82 -16.53
CA ALA A 342 -8.39 -6.36 -16.84
C ALA A 342 -7.36 -6.85 -15.84
N ALA A 343 -7.70 -6.82 -14.55
CA ALA A 343 -6.78 -7.36 -13.55
C ALA A 343 -6.58 -8.88 -13.74
N ALA A 344 -7.65 -9.59 -14.09
CA ALA A 344 -7.54 -11.04 -14.28
C ALA A 344 -6.61 -11.37 -15.45
N LEU A 345 -6.76 -10.61 -16.53
CA LEU A 345 -5.92 -10.75 -17.70
C LEU A 345 -4.46 -10.47 -17.40
N ASP A 346 -4.22 -9.42 -16.60
CA ASP A 346 -2.87 -9.05 -16.15
C ASP A 346 -2.20 -10.22 -15.45
N VAL A 347 -2.89 -10.84 -14.50
CA VAL A 347 -2.30 -11.97 -13.77
C VAL A 347 -2.14 -13.17 -14.68
N LEU A 348 -3.16 -13.47 -15.48
CA LEU A 348 -3.06 -14.58 -16.41
C LEU A 348 -1.87 -14.41 -17.34
N ALA A 349 -1.64 -13.18 -17.82
CA ALA A 349 -0.42 -12.88 -18.60
C ALA A 349 0.86 -13.22 -17.85
N ASN A 350 0.90 -12.95 -16.56
CA ASN A 350 2.06 -13.30 -15.75
C ASN A 350 2.20 -14.78 -15.49
N VAL A 351 1.08 -15.50 -15.48
CA VAL A 351 1.10 -16.95 -15.37
C VAL A 351 1.57 -17.60 -16.69
N TYR A 352 0.89 -17.25 -17.78
CA TYR A 352 1.11 -17.93 -19.05
C TYR A 352 2.28 -17.37 -19.81
N ARG A 353 2.69 -16.15 -19.47
CA ARG A 353 3.76 -15.45 -20.18
C ARG A 353 3.57 -15.54 -21.71
N ASP A 354 4.58 -15.98 -22.46
CA ASP A 354 4.49 -15.95 -23.92
C ASP A 354 3.46 -16.93 -24.51
N GLU A 355 3.04 -17.92 -23.71
CA GLU A 355 2.01 -18.88 -24.15
C GLU A 355 0.66 -18.22 -24.37
N LEU A 356 0.48 -17.03 -23.80
CA LEU A 356 -0.80 -16.35 -23.91
C LEU A 356 -0.96 -15.63 -25.23
N LEU A 357 0.18 -15.31 -25.85
CA LEU A 357 0.17 -14.44 -27.03
C LEU A 357 -0.68 -14.92 -28.23
N PRO A 358 -0.68 -16.25 -28.53
CA PRO A 358 -1.54 -16.75 -29.62
C PRO A 358 -3.04 -16.59 -29.31
N HIS A 359 -3.42 -16.63 -28.04
CA HIS A 359 -4.79 -16.29 -27.66
C HIS A 359 -5.13 -14.84 -27.83
N ILE A 360 -4.16 -13.96 -27.58
CA ILE A 360 -4.47 -12.55 -27.42
C ILE A 360 -4.22 -11.70 -28.67
N LEU A 361 -3.21 -12.09 -29.45
CA LEU A 361 -2.87 -11.31 -30.65
C LEU A 361 -3.98 -11.23 -31.72
N PRO A 362 -4.75 -12.33 -31.95
CA PRO A 362 -5.86 -12.23 -32.91
C PRO A 362 -6.94 -11.25 -32.44
N LEU A 363 -7.19 -11.24 -31.13
CA LEU A 363 -8.09 -10.24 -30.53
C LEU A 363 -7.54 -8.82 -30.65
N LEU A 364 -6.25 -8.66 -30.40
CA LEU A 364 -5.65 -7.33 -30.50
C LEU A 364 -5.78 -6.76 -31.90
N LYS A 365 -5.53 -7.60 -32.92
CA LYS A 365 -5.64 -7.13 -34.29
C LYS A 365 -7.02 -6.61 -34.59
N GLU A 366 -8.07 -7.27 -34.10
CA GLU A 366 -9.42 -6.75 -34.35
C GLU A 366 -9.77 -5.50 -33.50
N LEU A 367 -9.05 -5.29 -32.40
CA LEU A 367 -9.36 -4.20 -31.49
C LEU A 367 -8.53 -2.93 -31.74
N LEU A 368 -7.24 -3.07 -31.93
CA LEU A 368 -6.34 -1.90 -31.92
C LEU A 368 -6.56 -0.87 -33.02
N PHE A 369 -7.25 -1.25 -34.08
CA PHE A 369 -7.34 -0.40 -35.26
C PHE A 369 -8.79 -0.13 -35.62
N HIS A 370 -9.69 -0.71 -34.82
CA HIS A 370 -11.14 -0.63 -35.00
C HIS A 370 -11.65 0.79 -35.12
N HIS A 371 -12.75 0.94 -35.84
CA HIS A 371 -13.31 2.28 -36.11
C HIS A 371 -14.20 2.76 -34.99
N GLU A 372 -14.66 1.85 -34.14
CA GLU A 372 -15.40 2.24 -32.92
C GLU A 372 -14.48 2.47 -31.72
N TRP A 373 -14.48 3.72 -31.24
CA TRP A 373 -13.55 4.15 -30.19
C TRP A 373 -13.63 3.33 -28.93
N VAL A 374 -14.83 2.97 -28.51
CA VAL A 374 -14.99 2.11 -27.35
C VAL A 374 -14.24 0.79 -27.51
N VAL A 375 -14.35 0.19 -28.70
CA VAL A 375 -13.68 -1.08 -28.99
C VAL A 375 -12.16 -0.86 -29.01
N LYS A 376 -11.71 0.20 -29.69
CA LYS A 376 -10.30 0.52 -29.75
C LYS A 376 -9.69 0.72 -28.35
N GLU A 377 -10.38 1.50 -27.52
CA GLU A 377 -9.95 1.80 -26.17
C GLU A 377 -9.73 0.50 -25.42
N SER A 378 -10.67 -0.42 -25.51
CA SER A 378 -10.49 -1.69 -24.79
C SER A 378 -9.23 -2.40 -25.29
N GLY A 379 -9.00 -2.32 -26.61
CA GLY A 379 -7.83 -2.98 -27.21
C GLY A 379 -6.53 -2.44 -26.63
N ILE A 380 -6.47 -1.13 -26.49
CA ILE A 380 -5.30 -0.48 -25.93
C ILE A 380 -5.11 -0.91 -24.48
N LEU A 381 -6.22 -1.01 -23.76
CA LEU A 381 -6.20 -1.49 -22.40
C LEU A 381 -5.58 -2.88 -22.33
N VAL A 382 -6.12 -3.82 -23.10
CA VAL A 382 -5.57 -5.17 -23.19
C VAL A 382 -4.06 -5.17 -23.42
N LEU A 383 -3.64 -4.36 -24.38
CA LEU A 383 -2.25 -4.27 -24.76
C LEU A 383 -1.44 -3.86 -23.54
N GLY A 384 -2.00 -2.93 -22.75
CA GLY A 384 -1.36 -2.48 -21.54
C GLY A 384 -1.41 -3.55 -20.49
N ALA A 385 -2.60 -4.12 -20.27
CA ALA A 385 -2.76 -5.15 -19.25
C ALA A 385 -1.75 -6.29 -19.37
N ILE A 386 -1.52 -6.77 -20.60
CA ILE A 386 -0.68 -7.96 -20.78
C ILE A 386 0.80 -7.64 -20.78
N ALA A 387 1.15 -6.34 -20.77
CA ALA A 387 2.55 -5.92 -20.94
C ALA A 387 3.55 -6.64 -20.03
N GLU A 388 3.25 -6.76 -18.74
CA GLU A 388 4.21 -7.34 -17.81
C GLU A 388 4.46 -8.81 -18.11
N GLY A 389 3.40 -9.59 -18.20
CA GLY A 389 3.52 -11.02 -18.50
C GLY A 389 4.14 -11.38 -19.85
N CYS A 390 3.75 -10.67 -20.90
CA CYS A 390 4.04 -11.10 -22.27
C CYS A 390 5.13 -10.27 -22.90
N MET A 391 5.88 -9.59 -22.06
CA MET A 391 6.81 -8.58 -22.53
C MET A 391 7.74 -9.15 -23.59
N GLN A 392 8.33 -10.32 -23.29
CA GLN A 392 9.32 -10.91 -24.21
C GLN A 392 8.67 -11.17 -25.56
N GLY A 393 7.51 -11.81 -25.53
CA GLY A 393 6.78 -12.11 -26.73
C GLY A 393 6.31 -10.92 -27.54
N MET A 394 6.20 -9.74 -26.93
CA MET A 394 5.66 -8.57 -27.64
C MET A 394 6.72 -7.74 -28.34
N ILE A 395 7.96 -7.88 -27.88
CA ILE A 395 9.10 -7.15 -28.45
C ILE A 395 9.05 -7.07 -29.99
N PRO A 396 8.90 -8.24 -30.66
CA PRO A 396 8.84 -8.23 -32.13
C PRO A 396 7.81 -7.24 -32.68
N TYR A 397 6.70 -7.05 -31.96
CA TYR A 397 5.60 -6.20 -32.44
C TYR A 397 5.72 -4.72 -32.06
N LEU A 398 6.66 -4.40 -31.20
CA LEU A 398 6.74 -3.05 -30.67
C LEU A 398 7.16 -2.00 -31.69
N PRO A 399 8.05 -2.37 -32.63
CA PRO A 399 8.40 -1.37 -33.66
C PRO A 399 7.18 -0.88 -34.45
N GLU A 400 6.10 -1.66 -34.48
CA GLU A 400 4.85 -1.21 -35.11
C GLU A 400 3.89 -0.58 -34.09
N LEU A 401 3.66 -1.27 -32.97
CA LEU A 401 2.65 -0.84 -31.99
C LEU A 401 2.95 0.50 -31.31
N ILE A 402 4.19 0.70 -30.89
CA ILE A 402 4.60 1.93 -30.20
C ILE A 402 4.33 3.17 -31.03
N PRO A 403 4.86 3.22 -32.29
CA PRO A 403 4.51 4.37 -33.13
C PRO A 403 2.99 4.53 -33.30
N HIS A 404 2.26 3.42 -33.29
CA HIS A 404 0.82 3.51 -33.43
C HIS A 404 0.18 4.12 -32.21
N LEU A 405 0.56 3.62 -31.03
CA LEU A 405 0.17 4.21 -29.76
C LEU A 405 0.53 5.71 -29.69
N ILE A 406 1.76 6.05 -30.05
CA ILE A 406 2.11 7.47 -30.07
C ILE A 406 1.06 8.28 -30.86
N GLN A 407 0.59 7.76 -31.99
CA GLN A 407 -0.44 8.45 -32.81
C GLN A 407 -1.72 8.58 -32.04
N CYS A 408 -2.08 7.52 -31.32
CA CYS A 408 -3.29 7.48 -30.53
C CYS A 408 -3.32 8.56 -29.44
N LEU A 409 -2.15 8.98 -28.97
CA LEU A 409 -2.09 10.07 -28.01
C LEU A 409 -2.83 11.31 -28.49
N SER A 410 -2.97 11.50 -29.80
CA SER A 410 -3.74 12.65 -30.28
C SER A 410 -5.08 12.26 -30.89
N ASP A 411 -5.55 11.06 -30.55
CA ASP A 411 -6.91 10.70 -30.86
C ASP A 411 -7.87 11.75 -30.33
N LYS A 412 -8.97 11.97 -31.02
CA LYS A 412 -9.89 13.01 -30.59
C LYS A 412 -10.79 12.63 -29.41
N LYS A 413 -10.83 11.35 -29.05
CA LYS A 413 -11.56 10.89 -27.86
C LYS A 413 -10.65 10.84 -26.63
N ALA A 414 -11.02 11.62 -25.60
CA ALA A 414 -10.23 11.75 -24.36
C ALA A 414 -9.91 10.40 -23.74
N LEU A 415 -10.91 9.53 -23.70
CA LEU A 415 -10.74 8.21 -23.10
C LEU A 415 -9.75 7.33 -23.84
N VAL A 416 -9.55 7.58 -25.13
CA VAL A 416 -8.52 6.89 -25.88
C VAL A 416 -7.16 7.50 -25.53
N ARG A 417 -7.10 8.83 -25.49
CA ARG A 417 -5.88 9.52 -25.11
C ARG A 417 -5.37 9.05 -23.75
N SER A 418 -6.24 9.04 -22.75
CA SER A 418 -5.82 8.67 -21.40
C SER A 418 -5.32 7.23 -21.30
N ILE A 419 -6.03 6.27 -21.90
CA ILE A 419 -5.57 4.89 -21.78
C ILE A 419 -4.23 4.68 -22.53
N THR A 420 -4.02 5.44 -23.60
CA THR A 420 -2.80 5.32 -24.39
C THR A 420 -1.60 5.72 -23.54
N CYS A 421 -1.74 6.82 -22.80
CA CYS A 421 -0.73 7.27 -21.84
C CYS A 421 -0.30 6.09 -20.98
N TRP A 422 -1.27 5.40 -20.40
CA TRP A 422 -0.95 4.34 -19.50
C TRP A 422 -0.26 3.18 -20.19
N THR A 423 -0.85 2.73 -21.31
CA THR A 423 -0.32 1.59 -22.04
C THR A 423 1.12 1.86 -22.50
N LEU A 424 1.36 3.04 -23.06
CA LEU A 424 2.71 3.41 -23.44
C LEU A 424 3.64 3.27 -22.25
N SER A 425 3.21 3.80 -21.10
CA SER A 425 4.06 3.73 -19.88
C SER A 425 4.38 2.30 -19.49
N ARG A 426 3.51 1.36 -19.86
CA ARG A 426 3.77 -0.04 -19.51
C ARG A 426 4.92 -0.64 -20.33
N TYR A 427 5.32 0.07 -21.39
CA TYR A 427 6.38 -0.39 -22.29
C TYR A 427 7.58 0.55 -22.22
N ALA A 428 7.68 1.30 -21.13
CA ALA A 428 8.72 2.30 -20.97
C ALA A 428 10.14 1.72 -21.01
N HIS A 429 10.35 0.56 -20.38
CA HIS A 429 11.66 -0.08 -20.38
C HIS A 429 12.18 -0.31 -21.80
N TRP A 430 11.35 -0.94 -22.63
CA TRP A 430 11.73 -1.20 -24.00
C TRP A 430 12.05 0.07 -24.72
N VAL A 431 11.20 1.08 -24.53
CA VAL A 431 11.39 2.34 -25.23
C VAL A 431 12.74 2.96 -24.91
N VAL A 432 13.06 2.98 -23.62
CA VAL A 432 14.28 3.63 -23.17
C VAL A 432 15.48 2.88 -23.73
N SER A 433 15.35 1.55 -23.85
CA SER A 433 16.45 0.72 -24.30
C SER A 433 16.76 0.85 -25.81
N GLN A 434 15.87 1.46 -26.58
CA GLN A 434 16.10 1.66 -28.02
C GLN A 434 16.79 3.00 -28.25
N PRO A 435 17.34 3.23 -29.46
CA PRO A 435 17.92 4.55 -29.71
C PRO A 435 16.90 5.66 -29.41
N PRO A 436 17.30 6.67 -28.62
CA PRO A 436 16.45 7.74 -28.11
C PRO A 436 15.60 8.46 -29.16
N ASP A 437 16.14 8.66 -30.36
CA ASP A 437 15.45 9.43 -31.40
C ASP A 437 14.29 8.71 -32.05
N THR A 438 14.27 7.38 -31.92
CA THR A 438 13.25 6.62 -32.62
C THR A 438 11.92 6.49 -31.82
N TYR A 439 12.03 6.22 -30.53
CA TYR A 439 10.80 6.12 -29.72
C TYR A 439 10.71 7.13 -28.58
N LEU A 440 11.71 7.13 -27.70
CA LEU A 440 11.77 8.02 -26.53
C LEU A 440 11.45 9.47 -26.83
N LYS A 441 12.21 10.07 -27.74
CA LYS A 441 12.03 11.47 -28.08
C LYS A 441 10.61 11.80 -28.50
N PRO A 442 10.06 11.12 -29.54
CA PRO A 442 8.68 11.47 -29.91
C PRO A 442 7.65 11.15 -28.81
N LEU A 443 7.88 10.09 -28.05
CA LEU A 443 6.99 9.75 -26.96
C LEU A 443 6.97 10.84 -25.88
N MET A 444 8.16 11.19 -25.38
CA MET A 444 8.31 12.27 -24.42
C MET A 444 7.64 13.53 -24.93
N THR A 445 7.87 13.85 -26.19
CA THR A 445 7.26 15.04 -26.81
C THR A 445 5.73 15.01 -26.76
N GLU A 446 5.13 13.87 -27.07
CA GLU A 446 3.67 13.83 -27.14
C GLU A 446 3.05 13.70 -25.76
N LEU A 447 3.74 13.05 -24.84
CA LEU A 447 3.32 13.04 -23.44
C LEU A 447 3.28 14.44 -22.84
N LEU A 448 4.34 15.22 -23.08
CA LEU A 448 4.39 16.60 -22.58
C LEU A 448 3.21 17.41 -23.06
N LYS A 449 2.93 17.31 -24.36
CA LYS A 449 1.76 17.97 -24.95
C LYS A 449 0.50 17.55 -24.21
N ARG A 450 0.42 16.26 -23.90
CA ARG A 450 -0.75 15.63 -23.33
C ARG A 450 -0.92 16.00 -21.84
N ILE A 451 0.19 16.24 -21.15
CA ILE A 451 0.16 16.81 -19.81
C ILE A 451 -0.70 18.10 -19.79
N LEU A 452 -0.59 18.90 -20.86
CA LEU A 452 -1.38 20.12 -20.96
C LEU A 452 -2.71 19.95 -21.71
N ASP A 453 -3.23 18.72 -21.76
CA ASP A 453 -4.53 18.45 -22.38
C ASP A 453 -5.57 19.31 -21.69
N SER A 454 -6.62 19.67 -22.41
CA SER A 454 -7.70 20.42 -21.77
C SER A 454 -8.57 19.49 -20.92
N ASN A 455 -8.46 18.18 -21.15
CA ASN A 455 -9.22 17.21 -20.40
C ASN A 455 -8.49 16.77 -19.13
N LYS A 456 -9.19 16.79 -18.01
CA LYS A 456 -8.58 16.53 -16.71
C LYS A 456 -8.12 15.08 -16.48
N ARG A 457 -8.90 14.11 -16.94
CA ARG A 457 -8.49 12.69 -16.89
C ARG A 457 -7.24 12.44 -17.72
N VAL A 458 -7.16 13.10 -18.87
CA VAL A 458 -5.98 12.97 -19.70
C VAL A 458 -4.78 13.56 -18.97
N GLN A 459 -4.95 14.74 -18.39
CA GLN A 459 -3.87 15.43 -17.68
C GLN A 459 -3.21 14.48 -16.71
N GLU A 460 -4.01 13.86 -15.84
CA GLU A 460 -3.42 12.98 -14.87
C GLU A 460 -2.81 11.68 -15.44
N ALA A 461 -3.50 11.09 -16.41
CA ALA A 461 -2.98 9.94 -17.12
C ALA A 461 -1.63 10.28 -17.74
N ALA A 462 -1.55 11.43 -18.41
CA ALA A 462 -0.31 11.82 -19.06
C ALA A 462 0.79 12.06 -18.03
N CYS A 463 0.44 12.83 -17.01
CA CYS A 463 1.33 13.13 -15.91
C CYS A 463 1.78 11.87 -15.17
N SER A 464 0.85 11.00 -14.79
CA SER A 464 1.25 9.69 -14.24
C SER A 464 2.23 8.93 -15.14
N ALA A 465 1.90 8.88 -16.44
CA ALA A 465 2.66 8.10 -17.43
C ALA A 465 4.04 8.68 -17.63
N PHE A 466 4.12 10.01 -17.66
CA PHE A 466 5.41 10.69 -17.78
C PHE A 466 6.34 10.40 -16.60
N ALA A 467 5.74 10.35 -15.41
CA ALA A 467 6.51 10.07 -14.20
C ALA A 467 7.13 8.70 -14.33
N THR A 468 6.33 7.73 -14.80
CA THR A 468 6.77 6.34 -14.94
C THR A 468 7.92 6.31 -15.92
N LEU A 469 7.78 7.09 -16.99
CA LEU A 469 8.79 7.17 -18.01
C LEU A 469 10.05 7.80 -17.43
N GLU A 470 9.89 8.90 -16.70
CA GLU A 470 10.99 9.53 -15.99
C GLU A 470 11.81 8.54 -15.16
N GLU A 471 11.12 7.75 -14.34
CA GLU A 471 11.76 6.71 -13.53
C GLU A 471 12.63 5.81 -14.37
N GLU A 472 12.12 5.37 -15.53
CA GLU A 472 12.86 4.47 -16.41
C GLU A 472 14.01 5.16 -17.13
N ALA A 473 13.79 6.38 -17.60
CA ALA A 473 14.79 7.09 -18.41
C ALA A 473 16.03 7.60 -17.65
N CYS A 474 15.83 8.14 -16.44
CA CYS A 474 16.89 8.73 -15.60
C CYS A 474 17.73 9.78 -16.32
N THR A 475 19.04 9.59 -16.32
CA THR A 475 19.96 10.54 -16.94
C THR A 475 19.57 10.84 -18.41
N GLU A 476 18.91 9.89 -19.06
CA GLU A 476 18.49 10.02 -20.46
C GLU A 476 17.58 11.23 -20.67
N LEU A 477 17.13 11.82 -19.57
CA LEU A 477 16.26 13.00 -19.63
C LEU A 477 17.05 14.29 -19.62
N VAL A 478 18.29 14.22 -19.13
CA VAL A 478 19.12 15.41 -18.93
C VAL A 478 19.19 16.33 -20.15
N PRO A 479 19.43 15.77 -21.36
CA PRO A 479 19.45 16.65 -22.55
C PRO A 479 18.13 17.40 -22.80
N TYR A 480 17.03 16.85 -22.33
CA TYR A 480 15.72 17.47 -22.57
C TYR A 480 15.16 18.21 -21.35
N LEU A 481 16.01 18.37 -20.33
CA LEU A 481 15.61 18.94 -19.04
C LEU A 481 14.91 20.30 -19.14
N ALA A 482 15.45 21.20 -19.95
CA ALA A 482 14.88 22.54 -20.10
C ALA A 482 13.49 22.48 -20.71
N TYR A 483 13.36 21.69 -21.77
CA TYR A 483 12.10 21.51 -22.49
C TYR A 483 11.07 20.84 -21.58
N ILE A 484 11.50 19.81 -20.85
CA ILE A 484 10.64 19.19 -19.83
C ILE A 484 10.12 20.21 -18.82
N LEU A 485 11.02 21.02 -18.24
CA LEU A 485 10.60 21.93 -17.17
C LEU A 485 9.62 22.98 -17.63
N ASP A 486 9.86 23.51 -18.83
CA ASP A 486 8.92 24.42 -19.47
C ASP A 486 7.46 23.98 -19.34
N THR A 487 7.20 22.70 -19.57
CA THR A 487 5.84 22.17 -19.55
C THR A 487 5.37 21.96 -18.13
N LEU A 488 6.20 21.29 -17.32
CA LEU A 488 5.84 21.06 -15.92
C LEU A 488 5.51 22.36 -15.18
N VAL A 489 6.33 23.39 -15.37
CA VAL A 489 6.04 24.69 -14.74
C VAL A 489 4.72 25.24 -15.23
N PHE A 490 4.55 25.30 -16.55
CA PHE A 490 3.32 25.84 -17.10
C PHE A 490 2.12 25.14 -16.52
N ALA A 491 2.25 23.84 -16.26
CA ALA A 491 1.17 23.07 -15.65
C ALA A 491 0.72 23.60 -14.28
N PHE A 492 1.66 24.14 -13.50
CA PHE A 492 1.32 24.78 -12.21
C PHE A 492 0.15 25.77 -12.34
N SER A 493 0.28 26.69 -13.29
CA SER A 493 -0.74 27.69 -13.55
C SER A 493 -1.99 27.12 -14.21
N LYS A 494 -1.83 26.03 -14.93
CA LYS A 494 -2.97 25.41 -15.60
C LYS A 494 -3.80 24.55 -14.66
N TYR A 495 -3.15 23.71 -13.86
CA TYR A 495 -3.84 22.65 -13.10
C TYR A 495 -4.70 23.15 -11.93
N GLN A 496 -5.85 22.52 -11.76
CA GLN A 496 -6.62 22.62 -10.51
C GLN A 496 -5.90 21.78 -9.48
N HIS A 497 -6.56 21.53 -8.35
CA HIS A 497 -5.86 20.95 -7.21
C HIS A 497 -5.55 19.49 -7.32
N LYS A 498 -6.55 18.67 -7.64
CA LYS A 498 -6.35 17.22 -7.75
C LYS A 498 -5.14 16.83 -8.62
N ASN A 499 -4.96 17.54 -9.73
CA ASN A 499 -3.89 17.23 -10.67
C ASN A 499 -2.54 17.83 -10.31
N LEU A 500 -2.56 18.90 -9.53
CA LEU A 500 -1.31 19.46 -8.97
C LEU A 500 -0.59 18.41 -8.10
N LEU A 501 -1.36 17.51 -7.46
CA LEU A 501 -0.78 16.49 -6.60
C LEU A 501 0.05 15.50 -7.38
N ILE A 502 -0.48 15.11 -8.54
CA ILE A 502 0.22 14.20 -9.45
C ILE A 502 1.41 14.91 -10.06
N LEU A 503 1.23 16.19 -10.36
CA LEU A 503 2.32 17.03 -10.87
C LEU A 503 3.53 17.06 -9.90
N TYR A 504 3.28 17.26 -8.60
CA TYR A 504 4.38 17.30 -7.61
C TYR A 504 5.15 16.01 -7.68
N ASP A 505 4.41 14.91 -7.80
CA ASP A 505 5.02 13.59 -7.94
C ASP A 505 5.88 13.49 -9.20
N ALA A 506 5.42 14.04 -10.30
CA ALA A 506 6.21 14.08 -11.53
C ALA A 506 7.50 14.92 -11.36
N ILE A 507 7.38 16.08 -10.73
CA ILE A 507 8.56 16.91 -10.38
C ILE A 507 9.50 16.14 -9.44
N GLY A 508 8.91 15.53 -8.41
CA GLY A 508 9.70 14.75 -7.45
C GLY A 508 10.53 13.71 -8.15
N THR A 509 9.87 12.90 -9.00
CA THR A 509 10.60 11.84 -9.72
C THR A 509 11.60 12.43 -10.72
N LEU A 510 11.24 13.55 -11.35
CA LEU A 510 12.21 14.25 -12.19
C LEU A 510 13.51 14.58 -11.42
N ALA A 511 13.36 15.20 -10.25
CA ALA A 511 14.50 15.55 -9.42
C ALA A 511 15.33 14.31 -9.07
N ASP A 512 14.68 13.21 -8.72
CA ASP A 512 15.39 11.95 -8.49
C ASP A 512 16.11 11.43 -9.75
N SER A 513 15.46 11.54 -10.92
CA SER A 513 16.06 11.06 -12.17
C SER A 513 17.30 11.85 -12.60
N VAL A 514 17.23 13.17 -12.57
CA VAL A 514 18.32 13.99 -13.10
C VAL A 514 19.32 14.48 -12.05
N GLY A 515 19.07 14.16 -10.78
CA GLY A 515 19.93 14.61 -9.68
C GLY A 515 20.43 16.04 -9.83
N HIS A 516 21.74 16.22 -9.67
CA HIS A 516 22.35 17.55 -9.57
C HIS A 516 22.23 18.39 -10.81
N HIS A 517 21.95 17.76 -11.95
CA HIS A 517 21.74 18.49 -13.21
C HIS A 517 20.63 19.48 -13.06
N LEU A 518 19.77 19.27 -12.08
CA LEU A 518 18.66 20.20 -11.79
C LEU A 518 19.13 21.53 -11.19
N ASN A 519 20.38 21.56 -10.71
CA ASN A 519 20.88 22.72 -9.99
C ASN A 519 21.35 23.84 -10.93
N LYS A 520 20.39 24.58 -11.49
CA LYS A 520 20.71 25.72 -12.33
C LYS A 520 19.80 26.87 -11.96
N PRO A 521 20.38 28.08 -11.85
CA PRO A 521 19.62 29.26 -11.40
C PRO A 521 18.29 29.45 -12.10
N GLU A 522 18.27 29.26 -13.42
CA GLU A 522 17.02 29.41 -14.17
C GLU A 522 15.98 28.36 -13.71
N TYR A 523 16.42 27.10 -13.60
CA TYR A 523 15.51 26.01 -13.20
C TYR A 523 14.96 26.25 -11.81
N ILE A 524 15.85 26.60 -10.87
CA ILE A 524 15.47 26.94 -9.51
C ILE A 524 14.44 28.07 -9.48
N GLN A 525 14.67 29.10 -10.29
CA GLN A 525 13.79 30.26 -10.28
C GLN A 525 12.39 29.99 -10.83
N MET A 526 12.30 29.18 -11.88
CA MET A 526 10.97 28.83 -12.41
C MET A 526 10.26 27.79 -11.54
N LEU A 527 11.03 26.93 -10.89
CA LEU A 527 10.46 25.81 -10.14
C LEU A 527 10.02 26.16 -8.70
N MET A 528 10.89 26.85 -7.98
CA MET A 528 10.67 27.09 -6.54
C MET A 528 9.46 27.94 -6.18
N PRO A 529 9.30 29.13 -6.79
CA PRO A 529 8.18 29.99 -6.40
C PRO A 529 6.79 29.32 -6.37
N PRO A 530 6.41 28.56 -7.42
CA PRO A 530 5.09 27.95 -7.32
C PRO A 530 5.00 26.79 -6.30
N LEU A 531 6.13 26.18 -5.97
CA LEU A 531 6.15 25.14 -4.93
C LEU A 531 5.87 25.71 -3.54
N ILE A 532 6.57 26.78 -3.20
CA ILE A 532 6.36 27.51 -1.95
C ILE A 532 4.96 28.13 -1.91
N GLN A 533 4.50 28.65 -3.04
CA GLN A 533 3.18 29.24 -3.09
C GLN A 533 2.13 28.28 -2.53
N LYS A 534 2.14 27.02 -2.95
CA LYS A 534 1.15 26.03 -2.49
C LYS A 534 1.45 25.55 -1.07
N TRP A 535 2.73 25.57 -0.72
CA TRP A 535 3.21 25.35 0.64
C TRP A 535 2.56 26.30 1.63
N ASN A 536 2.51 27.58 1.26
CA ASN A 536 1.84 28.62 2.05
C ASN A 536 0.32 28.50 2.11
N MET A 537 -0.31 27.87 1.13
CA MET A 537 -1.77 27.74 1.14
C MET A 537 -2.21 26.61 2.03
N LEU A 538 -1.37 25.59 2.16
CA LEU A 538 -1.79 24.37 2.81
C LEU A 538 -1.59 24.42 4.31
N LYS A 539 -2.58 23.93 5.05
CA LYS A 539 -2.53 23.92 6.49
C LYS A 539 -1.96 22.60 6.98
N ASP A 540 -1.39 22.65 8.19
CA ASP A 540 -0.68 21.51 8.80
C ASP A 540 -1.49 20.23 8.93
N GLU A 541 -2.80 20.32 8.75
CA GLU A 541 -3.66 19.15 8.89
C GLU A 541 -4.11 18.60 7.53
N ASP A 542 -3.71 19.27 6.44
CA ASP A 542 -4.07 18.84 5.07
C ASP A 542 -3.16 17.76 4.47
N LYS A 543 -3.71 16.57 4.22
CA LYS A 543 -2.96 15.43 3.66
C LYS A 543 -2.29 15.76 2.31
N ASP A 544 -2.85 16.70 1.57
CA ASP A 544 -2.24 17.16 0.35
C ASP A 544 -0.83 17.68 0.52
N LEU A 545 -0.37 17.80 1.77
CA LEU A 545 1.04 18.07 2.05
C LEU A 545 1.94 16.91 1.66
N PHE A 546 1.46 15.68 1.82
CA PHE A 546 2.31 14.50 1.57
C PHE A 546 3.03 14.56 0.22
N PRO A 547 2.28 14.79 -0.87
CA PRO A 547 2.95 14.80 -2.18
C PRO A 547 3.85 16.02 -2.34
N LEU A 548 3.39 17.17 -1.87
CA LEU A 548 4.20 18.39 -1.94
C LEU A 548 5.51 18.23 -1.16
N LEU A 549 5.41 17.65 0.03
CA LEU A 549 6.58 17.50 0.87
C LEU A 549 7.55 16.46 0.33
N GLU A 550 6.98 15.39 -0.21
CA GLU A 550 7.82 14.36 -0.82
C GLU A 550 8.46 14.93 -2.07
N CYS A 551 7.73 15.79 -2.75
CA CYS A 551 8.31 16.44 -3.89
C CYS A 551 9.48 17.32 -3.44
N LEU A 552 9.23 18.15 -2.43
CA LEU A 552 10.26 19.03 -1.89
C LEU A 552 11.49 18.27 -1.44
N SER A 553 11.27 17.12 -0.82
CA SER A 553 12.36 16.30 -0.38
C SER A 553 13.33 16.00 -1.53
N SER A 554 12.78 15.57 -2.66
CA SER A 554 13.60 15.20 -3.81
C SER A 554 14.27 16.43 -4.40
N VAL A 555 13.53 17.52 -4.50
CA VAL A 555 14.10 18.73 -5.05
C VAL A 555 15.28 19.20 -4.20
N ALA A 556 15.13 19.13 -2.88
CA ALA A 556 16.15 19.63 -1.95
C ALA A 556 17.45 18.86 -2.13
N THR A 557 17.34 17.53 -2.14
CA THR A 557 18.48 16.65 -2.35
C THR A 557 19.18 16.93 -3.69
N ALA A 558 18.39 17.27 -4.71
CA ALA A 558 18.95 17.46 -6.04
C ALA A 558 19.60 18.82 -6.11
N LEU A 559 18.96 19.82 -5.51
CA LEU A 559 19.44 21.21 -5.51
C LEU A 559 20.66 21.53 -4.63
N GLN A 560 20.83 20.77 -3.55
CA GLN A 560 21.90 21.04 -2.56
C GLN A 560 21.93 22.53 -2.16
N SER A 561 23.10 23.16 -2.28
CA SER A 561 23.27 24.59 -1.94
C SER A 561 22.23 25.50 -2.57
N GLY A 562 21.78 25.17 -3.77
CA GLY A 562 20.72 25.93 -4.44
C GLY A 562 19.47 26.06 -3.60
N PHE A 563 19.28 25.12 -2.68
CA PHE A 563 18.12 25.17 -1.80
C PHE A 563 18.29 26.15 -0.61
N LEU A 564 19.51 26.64 -0.39
CA LEU A 564 19.80 27.53 0.75
C LEU A 564 18.73 28.61 0.97
N PRO A 565 18.36 29.36 -0.09
CA PRO A 565 17.44 30.48 0.14
C PRO A 565 16.07 30.05 0.62
N TYR A 566 15.82 28.73 0.67
CA TYR A 566 14.48 28.22 0.91
C TYR A 566 14.36 27.37 2.18
N CYS A 567 15.50 26.91 2.71
CA CYS A 567 15.51 25.89 3.75
C CYS A 567 14.84 26.28 5.07
N GLU A 568 15.13 27.47 5.59
CA GLU A 568 14.71 27.82 6.95
C GLU A 568 13.24 27.52 7.24
N PRO A 569 12.30 28.19 6.54
CA PRO A 569 10.90 27.90 6.85
C PRO A 569 10.52 26.42 6.68
N VAL A 570 11.10 25.78 5.67
CA VAL A 570 10.85 24.36 5.41
C VAL A 570 11.29 23.53 6.61
N TYR A 571 12.54 23.77 7.03
CA TYR A 571 13.08 23.16 8.25
C TYR A 571 12.17 23.38 9.47
N GLN A 572 11.79 24.62 9.71
CA GLN A 572 10.99 24.92 10.89
C GLN A 572 9.68 24.15 10.88
N ARG A 573 8.97 24.21 9.75
CA ARG A 573 7.64 23.61 9.66
C ARG A 573 7.72 22.10 9.88
N CYS A 574 8.78 21.47 9.36
CA CYS A 574 8.90 20.03 9.46
C CYS A 574 9.09 19.57 10.89
N VAL A 575 10.07 20.20 11.57
CA VAL A 575 10.30 19.92 12.99
C VAL A 575 8.99 20.11 13.74
N ASN A 576 8.34 21.23 13.46
CA ASN A 576 7.09 21.53 14.11
C ASN A 576 6.02 20.45 13.90
N LEU A 577 5.88 19.95 12.66
CA LEU A 577 4.91 18.91 12.36
C LEU A 577 5.21 17.64 13.13
N VAL A 578 6.49 17.31 13.25
CA VAL A 578 6.92 16.17 14.06
C VAL A 578 6.53 16.41 15.52
N GLN A 579 6.78 17.63 16.00
CA GLN A 579 6.49 17.98 17.39
C GLN A 579 5.00 17.82 17.71
N LYS A 580 4.16 18.44 16.89
CA LYS A 580 2.74 18.39 17.18
C LYS A 580 2.13 16.98 17.02
N THR A 581 2.69 16.17 16.13
CA THR A 581 2.29 14.77 15.99
C THR A 581 2.58 13.99 17.27
N LEU A 582 3.83 14.08 17.74
CA LEU A 582 4.21 13.50 19.02
C LEU A 582 3.31 13.96 20.16
N ALA A 583 3.01 15.26 20.18
CA ALA A 583 2.12 15.81 21.19
C ALA A 583 0.75 15.13 21.12
N GLN A 584 0.14 15.19 19.93
CA GLN A 584 -1.18 14.62 19.73
C GLN A 584 -1.22 13.15 20.14
N ALA A 585 -0.17 12.39 19.84
CA ALA A 585 -0.13 10.98 20.22
C ALA A 585 -0.15 10.79 21.73
N MET A 586 0.65 11.58 22.45
CA MET A 586 0.67 11.52 23.92
C MET A 586 -0.71 11.87 24.47
N LEU A 587 -1.32 12.92 23.93
CA LEU A 587 -2.64 13.35 24.36
C LEU A 587 -3.68 12.25 24.16
N ASN A 588 -3.65 11.61 23.00
CA ASN A 588 -4.53 10.49 22.71
C ASN A 588 -4.23 9.32 23.64
N ASN A 589 -2.94 9.03 23.85
CA ASN A 589 -2.56 7.98 24.78
C ASN A 589 -3.10 8.21 26.19
N ALA A 590 -3.17 9.47 26.61
CA ALA A 590 -3.71 9.79 27.94
C ALA A 590 -5.23 9.62 27.98
N GLN A 591 -5.94 10.34 27.13
CA GLN A 591 -7.39 10.21 27.06
C GLN A 591 -7.90 9.88 25.65
N PRO A 592 -7.88 8.58 25.28
CA PRO A 592 -8.29 8.10 23.94
C PRO A 592 -9.72 8.49 23.58
N ASP A 593 -10.57 8.58 24.60
CA ASP A 593 -12.01 8.83 24.40
C ASP A 593 -12.33 10.29 24.13
N GLN A 594 -11.31 11.14 24.10
CA GLN A 594 -11.54 12.58 23.94
C GLN A 594 -10.64 13.23 22.90
N TYR A 595 -9.49 12.60 22.64
CA TYR A 595 -8.54 13.15 21.69
C TYR A 595 -8.19 12.12 20.62
N GLU A 596 -8.37 12.55 19.37
CA GLU A 596 -8.16 11.74 18.19
C GLU A 596 -6.68 11.37 18.10
N ALA A 597 -6.40 10.10 17.82
CA ALA A 597 -5.04 9.69 17.47
C ALA A 597 -4.60 10.47 16.22
N PRO A 598 -3.32 10.87 16.17
CA PRO A 598 -2.83 11.59 14.99
C PRO A 598 -2.51 10.67 13.79
N ASP A 599 -2.47 11.26 12.59
CA ASP A 599 -2.01 10.57 11.41
C ASP A 599 -0.50 10.68 11.37
N LYS A 600 0.17 9.55 11.60
CA LYS A 600 1.63 9.55 11.67
C LYS A 600 2.35 9.79 10.35
N ASP A 601 1.60 9.82 9.25
CA ASP A 601 2.20 10.07 7.96
C ASP A 601 2.76 11.48 7.90
N PHE A 602 2.09 12.43 8.54
CA PHE A 602 2.59 13.81 8.67
C PHE A 602 4.00 13.82 9.26
N MET A 603 4.23 12.93 10.20
CA MET A 603 5.51 12.82 10.86
C MET A 603 6.53 12.15 9.94
N ILE A 604 6.10 11.08 9.27
CA ILE A 604 6.97 10.35 8.34
C ILE A 604 7.46 11.24 7.19
N VAL A 605 6.54 11.95 6.58
CA VAL A 605 6.88 12.82 5.49
C VAL A 605 7.80 13.94 5.98
N ALA A 606 7.53 14.49 7.16
CA ALA A 606 8.37 15.58 7.72
C ALA A 606 9.79 15.12 8.01
N LEU A 607 9.92 13.97 8.65
CA LEU A 607 11.26 13.40 8.90
C LEU A 607 11.97 13.19 7.58
N ASP A 608 11.25 12.59 6.62
CA ASP A 608 11.82 12.26 5.34
C ASP A 608 12.23 13.55 4.63
N LEU A 609 11.44 14.61 4.74
CA LEU A 609 11.89 15.87 4.18
C LEU A 609 13.13 16.43 4.93
N LEU A 610 13.16 16.30 6.25
CA LEU A 610 14.35 16.77 6.99
C LEU A 610 15.59 15.99 6.56
N SER A 611 15.42 14.70 6.31
CA SER A 611 16.48 13.86 5.77
C SER A 611 17.05 14.40 4.44
N GLY A 612 16.13 14.76 3.53
CA GLY A 612 16.51 15.27 2.22
C GLY A 612 17.23 16.60 2.35
N LEU A 613 16.68 17.47 3.18
CA LEU A 613 17.30 18.74 3.52
C LEU A 613 18.74 18.55 4.01
N ALA A 614 18.91 17.63 4.97
CA ALA A 614 20.23 17.33 5.54
C ALA A 614 21.21 16.73 4.53
N GLU A 615 20.71 15.83 3.68
CA GLU A 615 21.53 15.27 2.60
C GLU A 615 21.93 16.34 1.60
N GLY A 616 20.97 17.15 1.16
CA GLY A 616 21.23 18.25 0.24
C GLY A 616 22.25 19.24 0.78
N LEU A 617 21.92 19.87 1.90
CA LEU A 617 22.74 20.95 2.45
C LEU A 617 24.02 20.51 3.15
N GLY A 618 24.05 19.29 3.67
CA GLY A 618 25.20 18.82 4.44
C GLY A 618 25.54 19.75 5.60
N GLY A 619 26.81 20.09 5.73
CA GLY A 619 27.28 21.08 6.71
C GLY A 619 26.43 22.34 6.86
N ASN A 620 25.84 22.81 5.77
CA ASN A 620 25.04 24.04 5.83
C ASN A 620 23.71 23.91 6.56
N ILE A 621 23.39 22.72 7.08
CA ILE A 621 22.21 22.57 7.90
C ILE A 621 22.50 22.82 9.40
N GLU A 622 23.78 22.93 9.73
CA GLU A 622 24.26 23.11 11.11
C GLU A 622 23.53 24.21 11.86
N GLN A 623 23.53 25.43 11.31
CA GLN A 623 22.89 26.56 11.95
C GLN A 623 21.44 26.29 12.35
N LEU A 624 20.72 25.57 11.50
CA LEU A 624 19.30 25.31 11.76
C LEU A 624 19.11 24.27 12.88
N VAL A 625 19.96 23.26 12.88
CA VAL A 625 19.92 22.18 13.87
C VAL A 625 20.35 22.72 15.25
N ALA A 626 21.29 23.67 15.21
CA ALA A 626 21.74 24.38 16.40
C ALA A 626 20.60 25.08 17.13
N ARG A 627 19.59 25.52 16.38
CA ARG A 627 18.48 26.27 16.93
C ARG A 627 17.27 25.39 17.19
N SER A 628 17.48 24.09 17.29
CA SER A 628 16.38 23.13 17.13
C SER A 628 16.35 22.03 18.18
N ASN A 629 15.17 21.48 18.44
CA ASN A 629 15.02 20.29 19.29
C ASN A 629 14.85 18.99 18.50
N ILE A 630 15.15 19.03 17.21
CA ILE A 630 14.95 17.85 16.34
C ILE A 630 15.48 16.55 16.97
N LEU A 631 16.67 16.60 17.55
CA LEU A 631 17.22 15.41 18.17
C LEU A 631 16.43 14.87 19.37
N THR A 632 15.81 15.76 20.15
CA THR A 632 15.04 15.28 21.29
C THR A 632 13.73 14.70 20.77
N LEU A 633 13.22 15.25 19.67
CA LEU A 633 12.08 14.67 18.97
C LEU A 633 12.41 13.30 18.36
N MET A 634 13.57 13.20 17.71
CA MET A 634 14.04 11.94 17.13
C MET A 634 14.08 10.83 18.13
N TYR A 635 14.44 11.16 19.37
CA TYR A 635 14.61 10.15 20.39
C TYR A 635 13.29 9.41 20.60
N GLN A 636 12.17 10.11 20.51
CA GLN A 636 10.85 9.45 20.62
C GLN A 636 10.41 8.74 19.35
N CYS A 637 10.75 9.33 18.21
CA CYS A 637 10.50 8.73 16.90
C CYS A 637 11.19 7.39 16.77
N MET A 638 12.44 7.32 17.23
CA MET A 638 13.23 6.12 17.13
C MET A 638 12.62 4.99 17.96
N GLN A 639 11.75 5.36 18.90
CA GLN A 639 11.14 4.39 19.81
C GLN A 639 9.68 4.14 19.47
N ASP A 640 9.21 4.72 18.37
CA ASP A 640 7.81 4.57 17.92
C ASP A 640 7.44 3.14 17.56
N LYS A 641 6.17 2.78 17.78
CA LYS A 641 5.64 1.45 17.42
C LYS A 641 5.60 1.23 15.90
N MET A 642 5.45 2.30 15.13
CA MET A 642 5.30 2.20 13.69
C MET A 642 6.64 2.12 12.95
N PRO A 643 6.87 1.00 12.24
CA PRO A 643 8.16 0.77 11.58
C PRO A 643 8.63 1.92 10.70
N GLU A 644 7.73 2.49 9.91
CA GLU A 644 8.07 3.56 8.98
C GLU A 644 8.56 4.82 9.68
N VAL A 645 8.04 5.08 10.88
CA VAL A 645 8.49 6.21 11.69
C VAL A 645 9.95 5.98 12.12
N ARG A 646 10.24 4.80 12.63
CA ARG A 646 11.60 4.45 13.01
C ARG A 646 12.51 4.55 11.80
N GLN A 647 12.04 4.00 10.69
CA GLN A 647 12.80 3.96 9.44
C GLN A 647 13.20 5.36 8.96
N SER A 648 12.28 6.31 9.09
CA SER A 648 12.56 7.67 8.72
C SER A 648 13.54 8.33 9.69
N SER A 649 13.45 7.97 10.96
CA SER A 649 14.25 8.65 11.97
C SER A 649 15.69 8.18 11.93
N PHE A 650 15.90 6.88 11.71
CA PHE A 650 17.24 6.36 11.53
C PHE A 650 17.91 6.96 10.28
N ALA A 651 17.13 7.20 9.23
CA ALA A 651 17.67 7.87 8.06
C ALA A 651 18.12 9.30 8.38
N LEU A 652 17.27 10.08 9.02
CA LEU A 652 17.65 11.42 9.46
C LEU A 652 18.87 11.35 10.39
N LEU A 653 18.90 10.36 11.28
CA LEU A 653 20.02 10.23 12.19
C LEU A 653 21.32 10.12 11.41
N GLY A 654 21.33 9.24 10.40
CA GLY A 654 22.49 9.03 9.56
C GLY A 654 22.90 10.31 8.83
N ASP A 655 21.91 11.04 8.34
CA ASP A 655 22.18 12.29 7.64
C ASP A 655 22.77 13.39 8.53
N LEU A 656 22.28 13.51 9.77
CA LEU A 656 22.76 14.56 10.66
C LEU A 656 24.13 14.22 11.22
N THR A 657 24.38 12.92 11.32
CA THR A 657 25.67 12.40 11.71
C THR A 657 26.77 12.85 10.74
N LYS A 658 26.48 12.75 9.46
CA LYS A 658 27.41 13.20 8.43
C LYS A 658 27.49 14.72 8.40
N ALA A 659 26.35 15.39 8.52
CA ALA A 659 26.27 16.82 8.27
C ALA A 659 26.78 17.71 9.43
N CYS A 660 26.42 17.37 10.67
CA CYS A 660 26.81 18.18 11.82
C CYS A 660 26.85 17.30 13.05
N PHE A 661 27.89 16.49 13.14
CA PHE A 661 27.99 15.52 14.21
C PHE A 661 28.07 16.13 15.62
N GLN A 662 28.61 17.35 15.74
CA GLN A 662 28.77 17.94 17.07
C GLN A 662 27.45 17.94 17.86
N HIS A 663 26.32 18.09 17.16
CA HIS A 663 25.01 18.07 17.83
C HIS A 663 24.50 16.70 18.12
N VAL A 664 25.08 15.70 17.48
CA VAL A 664 24.60 14.33 17.58
C VAL A 664 25.38 13.60 18.66
N LYS A 665 26.70 13.80 18.69
CA LYS A 665 27.58 13.15 19.67
C LYS A 665 27.03 13.02 21.11
N PRO A 666 26.47 14.11 21.68
CA PRO A 666 25.86 14.00 23.02
C PRO A 666 24.81 12.90 23.17
N CYS A 667 24.19 12.48 22.07
CA CYS A 667 23.03 11.57 22.12
C CYS A 667 23.38 10.11 21.88
N ILE A 668 24.58 9.87 21.38
CA ILE A 668 25.01 8.55 20.98
C ILE A 668 24.76 7.47 22.05
N ALA A 669 25.17 7.75 23.28
CA ALA A 669 25.00 6.80 24.37
C ALA A 669 23.53 6.37 24.57
N ASP A 670 22.59 7.26 24.26
CA ASP A 670 21.16 6.94 24.25
C ASP A 670 20.75 6.26 22.94
N PHE A 671 21.23 6.81 21.84
CA PHE A 671 20.89 6.33 20.51
C PHE A 671 21.34 4.90 20.18
N MET A 672 22.55 4.53 20.59
CA MET A 672 23.10 3.23 20.20
C MET A 672 22.28 2.03 20.67
N PRO A 673 21.89 2.00 21.97
CA PRO A 673 21.12 0.82 22.40
C PRO A 673 19.81 0.65 21.64
N ILE A 674 19.30 1.73 21.08
CA ILE A 674 18.07 1.67 20.31
C ILE A 674 18.38 1.13 18.92
N LEU A 675 19.42 1.66 18.29
CA LEU A 675 19.88 1.11 17.04
C LEU A 675 20.13 -0.39 17.18
N GLY A 676 20.72 -0.78 18.31
CA GLY A 676 21.01 -2.19 18.58
C GLY A 676 19.79 -3.09 18.68
N THR A 677 18.66 -2.54 19.11
CA THR A 677 17.41 -3.31 19.23
C THR A 677 16.56 -3.28 17.95
N ASN A 678 17.01 -2.50 16.95
CA ASN A 678 16.36 -2.41 15.64
C ASN A 678 17.17 -3.06 14.47
N LEU A 679 18.10 -3.94 14.81
CA LEU A 679 18.76 -4.75 13.78
C LEU A 679 17.98 -6.04 13.54
N ASN A 680 16.69 -5.86 13.25
CA ASN A 680 15.79 -6.97 12.95
C ASN A 680 15.43 -7.01 11.45
N PRO A 681 15.93 -8.04 10.75
CA PRO A 681 15.75 -8.11 9.30
C PRO A 681 14.28 -8.27 8.87
N GLU A 682 13.40 -8.61 9.82
CA GLU A 682 11.95 -8.61 9.56
C GLU A 682 11.45 -7.26 9.05
N PHE A 683 12.06 -6.18 9.53
CA PHE A 683 11.74 -4.84 9.03
C PHE A 683 12.91 -4.35 8.20
N ILE A 684 12.90 -4.70 6.92
CA ILE A 684 14.04 -4.50 6.05
C ILE A 684 14.59 -3.07 6.06
N SER A 685 13.73 -2.09 5.84
CA SER A 685 14.22 -0.74 5.64
C SER A 685 14.56 -0.05 6.96
N VAL A 686 13.95 -0.51 8.05
CA VAL A 686 14.30 -0.05 9.39
C VAL A 686 15.68 -0.60 9.73
N CYS A 687 15.80 -1.90 9.57
CA CYS A 687 17.06 -2.59 9.77
C CYS A 687 18.17 -1.96 8.92
N ASN A 688 17.86 -1.74 7.66
CA ASN A 688 18.80 -1.12 6.74
C ASN A 688 19.26 0.22 7.26
N ASN A 689 18.31 1.10 7.56
CA ASN A 689 18.65 2.46 7.94
C ASN A 689 19.36 2.55 9.29
N ALA A 690 18.96 1.70 10.23
CA ALA A 690 19.66 1.57 11.50
C ALA A 690 21.10 1.19 11.20
N THR A 691 21.27 0.15 10.38
CA THR A 691 22.59 -0.34 9.99
C THR A 691 23.42 0.77 9.35
N TRP A 692 22.83 1.48 8.39
CA TRP A 692 23.58 2.54 7.72
C TRP A 692 23.99 3.55 8.75
N ALA A 693 23.02 4.00 9.57
CA ALA A 693 23.25 4.97 10.62
C ALA A 693 24.43 4.62 11.52
N ILE A 694 24.48 3.37 11.99
CA ILE A 694 25.52 2.98 12.89
C ILE A 694 26.88 2.94 12.23
N GLY A 695 26.87 2.71 10.92
CA GLY A 695 28.11 2.79 10.17
C GLY A 695 28.58 4.23 10.10
N GLU A 696 27.69 5.15 9.81
CA GLU A 696 28.10 6.55 9.75
C GLU A 696 28.55 7.12 11.12
N ILE A 697 27.91 6.70 12.22
CA ILE A 697 28.29 7.25 13.51
C ILE A 697 29.69 6.71 13.92
N SER A 698 29.96 5.43 13.62
CA SER A 698 31.29 4.84 13.78
C SER A 698 32.40 5.75 13.30
N ILE A 699 32.29 6.18 12.05
CA ILE A 699 33.28 7.01 11.39
C ILE A 699 33.49 8.32 12.15
N GLN A 700 32.42 8.83 12.74
CA GLN A 700 32.52 10.05 13.51
C GLN A 700 33.07 9.83 14.94
N MET A 701 32.74 8.69 15.56
CA MET A 701 33.21 8.29 16.90
C MET A 701 34.69 7.88 17.00
N GLY A 702 35.25 7.32 15.92
CA GLY A 702 36.60 6.78 15.96
C GLY A 702 36.67 5.67 16.98
N ILE A 703 37.79 5.57 17.70
CA ILE A 703 37.94 4.51 18.71
C ILE A 703 36.95 4.66 19.89
N GLU A 704 36.40 5.86 20.07
CA GLU A 704 35.39 6.12 21.10
C GLU A 704 34.18 5.20 20.93
N MET A 705 34.13 4.51 19.79
CA MET A 705 33.03 3.61 19.47
C MET A 705 33.13 2.27 20.21
N GLN A 706 34.29 1.98 20.78
CA GLN A 706 34.54 0.64 21.34
C GLN A 706 33.44 0.08 22.27
N PRO A 707 32.94 0.89 23.24
CA PRO A 707 31.94 0.33 24.17
C PRO A 707 30.63 -0.10 23.50
N TYR A 708 30.31 0.50 22.35
CA TYR A 708 29.04 0.24 21.67
C TYR A 708 29.08 -0.95 20.72
N ILE A 709 30.28 -1.38 20.34
CA ILE A 709 30.44 -2.46 19.38
C ILE A 709 29.73 -3.78 19.74
N PRO A 710 29.91 -4.27 20.99
CA PRO A 710 29.29 -5.56 21.35
C PRO A 710 27.77 -5.58 21.21
N MET A 711 27.12 -4.44 21.44
CA MET A 711 25.66 -4.38 21.39
C MET A 711 25.11 -4.45 19.95
N VAL A 712 26.02 -4.60 18.99
CA VAL A 712 25.68 -4.43 17.59
C VAL A 712 26.33 -5.48 16.67
N LEU A 713 27.54 -5.91 17.00
CA LEU A 713 28.34 -6.78 16.12
C LEU A 713 27.74 -8.16 15.81
N HIS A 714 27.43 -8.95 16.84
CA HIS A 714 26.86 -10.29 16.66
C HIS A 714 25.72 -10.30 15.69
N GLN A 715 24.82 -9.32 15.83
CA GLN A 715 23.65 -9.21 14.96
C GLN A 715 23.99 -8.89 13.51
N LEU A 716 24.94 -7.98 13.30
CA LEU A 716 25.33 -7.61 11.95
C LEU A 716 25.91 -8.81 11.22
N VAL A 717 26.69 -9.59 11.95
CA VAL A 717 27.29 -10.81 11.42
C VAL A 717 26.21 -11.84 11.12
N GLU A 718 25.20 -11.92 11.99
CA GLU A 718 24.07 -12.82 11.76
C GLU A 718 23.32 -12.42 10.48
N ILE A 719 23.11 -11.11 10.30
CA ILE A 719 22.37 -10.59 9.16
C ILE A 719 23.10 -10.77 7.83
N ILE A 720 24.42 -10.64 7.85
CA ILE A 720 25.21 -10.74 6.63
C ILE A 720 25.39 -12.20 6.17
N ASN A 721 25.13 -13.15 7.07
CA ASN A 721 25.15 -14.57 6.69
C ASN A 721 23.74 -15.11 6.44
N ARG A 722 22.76 -14.22 6.31
CA ARG A 722 21.36 -14.62 6.29
C ARG A 722 20.84 -14.81 4.85
N PRO A 723 20.26 -15.99 4.56
CA PRO A 723 19.71 -16.28 3.23
C PRO A 723 18.45 -15.46 2.95
N ASN A 724 18.22 -15.15 1.67
CA ASN A 724 17.03 -14.40 1.25
C ASN A 724 16.99 -13.00 1.90
N THR A 725 18.15 -12.34 1.91
CA THR A 725 18.26 -10.98 2.42
C THR A 725 18.56 -10.04 1.27
N PRO A 726 17.74 -8.98 1.11
CA PRO A 726 17.89 -8.07 -0.02
C PRO A 726 19.32 -7.58 -0.23
N LYS A 727 19.68 -7.42 -1.49
CA LYS A 727 20.99 -6.91 -1.92
C LYS A 727 21.40 -5.68 -1.10
N THR A 728 20.49 -4.72 -0.95
CA THR A 728 20.82 -3.44 -0.30
C THR A 728 21.08 -3.58 1.21
N LEU A 729 20.28 -4.36 1.90
CA LEU A 729 20.57 -4.59 3.31
C LEU A 729 21.95 -5.22 3.49
N LEU A 730 22.31 -6.14 2.60
CA LEU A 730 23.58 -6.85 2.74
C LEU A 730 24.76 -5.93 2.47
N GLU A 731 24.61 -5.06 1.48
CA GLU A 731 25.61 -4.05 1.17
C GLU A 731 25.86 -3.09 2.35
N ASN A 732 24.78 -2.56 2.94
CA ASN A 732 24.91 -1.67 4.07
C ASN A 732 25.51 -2.41 5.25
N THR A 733 25.02 -3.62 5.51
CA THR A 733 25.59 -4.44 6.57
C THR A 733 27.11 -4.65 6.41
N ALA A 734 27.53 -4.93 5.19
CA ALA A 734 28.96 -5.13 4.90
C ALA A 734 29.76 -3.86 5.15
N ILE A 735 29.31 -2.74 4.56
CA ILE A 735 29.97 -1.45 4.79
C ILE A 735 30.10 -1.11 6.28
N THR A 736 29.02 -1.26 7.01
CA THR A 736 29.00 -0.92 8.44
C THR A 736 29.98 -1.79 9.22
N ILE A 737 29.99 -3.09 8.95
CA ILE A 737 30.95 -4.00 9.57
C ILE A 737 32.37 -3.57 9.24
N GLY A 738 32.60 -3.24 7.98
CA GLY A 738 33.87 -2.68 7.53
C GLY A 738 34.25 -1.44 8.31
N ARG A 739 33.29 -0.57 8.53
CA ARG A 739 33.51 0.71 9.24
C ARG A 739 33.83 0.53 10.73
N LEU A 740 33.07 -0.32 11.39
CA LEU A 740 33.31 -0.65 12.79
C LEU A 740 34.73 -1.20 12.98
N GLY A 741 35.14 -2.05 12.04
CA GLY A 741 36.46 -2.64 12.09
C GLY A 741 37.58 -1.62 11.88
N TYR A 742 37.28 -0.57 11.13
CA TYR A 742 38.28 0.44 10.80
C TYR A 742 38.66 1.23 12.05
N VAL A 743 37.65 1.62 12.83
CA VAL A 743 37.84 2.41 14.04
C VAL A 743 38.21 1.55 15.25
N CYS A 744 37.76 0.30 15.26
CA CYS A 744 38.01 -0.62 16.36
C CYS A 744 38.38 -2.02 15.89
N PRO A 745 39.53 -2.14 15.20
CA PRO A 745 39.91 -3.44 14.65
C PRO A 745 39.92 -4.53 15.70
N GLN A 746 40.23 -4.15 16.94
CA GLN A 746 40.42 -5.15 18.00
C GLN A 746 39.13 -5.86 18.38
N GLU A 747 38.01 -5.15 18.32
CA GLU A 747 36.71 -5.72 18.73
C GLU A 747 36.07 -6.59 17.64
N VAL A 748 36.38 -6.28 16.39
CA VAL A 748 35.70 -6.89 15.26
C VAL A 748 36.56 -7.90 14.47
N ALA A 749 37.86 -7.63 14.33
CA ALA A 749 38.76 -8.54 13.62
C ALA A 749 38.70 -10.03 14.04
N PRO A 750 38.46 -10.33 15.33
CA PRO A 750 38.29 -11.76 15.64
C PRO A 750 37.16 -12.43 14.87
N MET A 751 36.17 -11.66 14.44
CA MET A 751 35.00 -12.19 13.75
C MET A 751 35.20 -12.41 12.24
N LEU A 752 36.37 -11.98 11.73
CA LEU A 752 36.68 -11.99 10.30
C LEU A 752 36.31 -13.26 9.53
N GLN A 753 36.72 -14.42 10.06
CA GLN A 753 36.40 -15.72 9.45
C GLN A 753 34.90 -15.90 9.21
N GLN A 754 34.08 -15.28 10.04
CA GLN A 754 32.65 -15.54 10.00
C GLN A 754 31.91 -14.66 8.99
N PHE A 755 32.55 -13.60 8.50
CA PHE A 755 31.85 -12.67 7.62
C PHE A 755 32.51 -12.37 6.27
N ILE A 756 33.78 -12.71 6.15
CA ILE A 756 34.59 -12.31 5.00
C ILE A 756 34.03 -12.73 3.65
N ARG A 757 33.52 -13.96 3.56
CA ARG A 757 32.88 -14.45 2.33
C ARG A 757 31.74 -13.54 1.85
N PRO A 758 30.63 -13.47 2.63
CA PRO A 758 29.52 -12.64 2.16
C PRO A 758 29.88 -11.16 2.11
N TRP A 759 30.76 -10.72 3.00
CA TRP A 759 31.24 -9.36 2.97
C TRP A 759 31.78 -9.04 1.61
N CYS A 760 32.65 -9.93 1.11
CA CYS A 760 33.28 -9.79 -0.19
C CYS A 760 32.29 -9.93 -1.35
N THR A 761 31.47 -10.98 -1.30
CA THR A 761 30.44 -11.23 -2.31
C THR A 761 29.58 -9.98 -2.51
N SER A 762 29.12 -9.40 -1.41
CA SER A 762 28.27 -8.22 -1.46
C SER A 762 28.96 -6.97 -2.02
N LEU A 763 30.17 -6.68 -1.56
CA LEU A 763 30.83 -5.42 -1.92
C LEU A 763 31.58 -5.41 -3.23
N ARG A 764 31.94 -6.58 -3.75
CA ARG A 764 32.61 -6.63 -5.05
C ARG A 764 31.71 -6.03 -6.11
N ASN A 765 30.41 -6.15 -5.88
CA ASN A 765 29.42 -5.64 -6.82
C ASN A 765 29.04 -4.15 -6.70
N ILE A 766 29.64 -3.40 -5.77
CA ILE A 766 29.27 -1.97 -5.65
C ILE A 766 30.24 -1.00 -6.29
N ARG A 767 29.70 0.15 -6.67
CA ARG A 767 30.43 1.23 -7.32
C ARG A 767 31.57 1.72 -6.41
N ASP A 768 32.64 2.20 -7.01
CA ASP A 768 33.74 2.79 -6.26
C ASP A 768 33.34 4.16 -5.75
N ASN A 769 33.09 4.26 -4.44
CA ASN A 769 32.75 5.54 -3.83
C ASN A 769 33.35 5.64 -2.43
N GLU A 770 32.98 6.69 -1.71
CA GLU A 770 33.50 6.93 -0.36
C GLU A 770 33.20 5.79 0.62
N GLU A 771 31.98 5.28 0.56
CA GLU A 771 31.55 4.23 1.48
C GLU A 771 32.38 2.96 1.31
N LYS A 772 32.56 2.55 0.06
CA LYS A 772 33.34 1.36 -0.26
C LYS A 772 34.79 1.54 0.19
N ASP A 773 35.34 2.71 -0.11
CA ASP A 773 36.66 3.08 0.34
C ASP A 773 36.76 2.86 1.85
N SER A 774 35.89 3.54 2.57
CA SER A 774 35.83 3.46 4.02
C SER A 774 35.81 2.00 4.51
N ALA A 775 34.95 1.17 3.90
CA ALA A 775 34.76 -0.23 4.34
C ALA A 775 35.97 -1.12 4.06
N PHE A 776 36.68 -0.82 2.98
CA PHE A 776 37.86 -1.59 2.62
C PHE A 776 39.05 -1.24 3.49
N ARG A 777 39.17 0.04 3.87
CA ARG A 777 40.16 0.46 4.87
C ARG A 777 39.99 -0.37 6.13
N GLY A 778 38.74 -0.53 6.55
CA GLY A 778 38.39 -1.38 7.69
C GLY A 778 38.82 -2.82 7.56
N ILE A 779 38.57 -3.40 6.38
CA ILE A 779 38.88 -4.82 6.18
C ILE A 779 40.38 -5.04 6.14
N CYS A 780 41.12 -4.02 5.70
CA CYS A 780 42.57 -4.10 5.69
C CYS A 780 43.13 -4.07 7.11
N THR A 781 42.64 -3.13 7.90
CA THR A 781 43.07 -3.00 9.28
C THR A 781 42.80 -4.31 10.00
N MET A 782 41.62 -4.87 9.79
CA MET A 782 41.27 -6.14 10.41
C MET A 782 42.18 -7.31 9.97
N ILE A 783 42.52 -7.36 8.69
CA ILE A 783 43.43 -8.40 8.20
C ILE A 783 44.81 -8.27 8.88
N SER A 784 45.28 -7.03 9.01
CA SER A 784 46.54 -6.75 9.69
C SER A 784 46.51 -7.26 11.14
N VAL A 785 45.34 -7.20 11.77
CA VAL A 785 45.18 -7.65 13.15
C VAL A 785 44.91 -9.17 13.28
N ASN A 786 44.19 -9.73 12.30
CA ASN A 786 43.88 -11.17 12.30
C ASN A 786 44.00 -11.81 10.90
N PRO A 787 45.23 -11.94 10.38
CA PRO A 787 45.38 -12.46 9.01
C PRO A 787 44.92 -13.90 8.83
N SER A 788 45.04 -14.74 9.85
CA SER A 788 44.58 -16.12 9.73
C SER A 788 43.06 -16.15 9.56
N GLY A 789 42.44 -15.00 9.80
CA GLY A 789 41.01 -14.80 9.57
C GLY A 789 40.59 -14.76 8.10
N VAL A 790 41.52 -14.47 7.19
CA VAL A 790 41.20 -14.43 5.75
C VAL A 790 41.79 -15.57 4.94
N ILE A 791 42.91 -16.12 5.41
CA ILE A 791 43.71 -17.09 4.66
C ILE A 791 42.85 -18.12 3.93
N GLN A 792 41.95 -18.77 4.65
CA GLN A 792 41.12 -19.83 4.10
C GLN A 792 40.19 -19.37 2.97
N ASP A 793 39.83 -18.08 2.96
CA ASP A 793 38.88 -17.53 2.00
C ASP A 793 39.49 -16.36 1.19
N PHE A 794 40.77 -16.46 0.88
CA PHE A 794 41.51 -15.37 0.23
C PHE A 794 41.06 -15.03 -1.19
N ILE A 795 40.58 -16.04 -1.92
CA ILE A 795 40.03 -15.82 -3.26
C ILE A 795 38.95 -14.75 -3.21
N PHE A 796 38.09 -14.81 -2.19
CA PHE A 796 37.03 -13.81 -2.02
C PHE A 796 37.60 -12.42 -1.90
N PHE A 797 38.67 -12.28 -1.11
CA PHE A 797 39.33 -10.99 -0.92
C PHE A 797 39.94 -10.53 -2.24
N CYS A 798 40.68 -11.44 -2.89
CA CYS A 798 41.23 -11.20 -4.20
C CYS A 798 40.21 -10.65 -5.19
N ASP A 799 39.06 -11.31 -5.26
CA ASP A 799 38.00 -10.87 -6.13
C ASP A 799 37.51 -9.49 -5.73
N ALA A 800 37.34 -9.27 -4.42
CA ALA A 800 36.83 -7.98 -3.95
C ALA A 800 37.80 -6.83 -4.27
N VAL A 801 39.10 -7.07 -4.12
CA VAL A 801 40.09 -6.05 -4.45
C VAL A 801 40.08 -5.78 -5.95
N ALA A 802 39.96 -6.86 -6.74
CA ALA A 802 39.87 -6.77 -8.19
C ALA A 802 38.64 -5.98 -8.67
N SER A 803 37.64 -5.81 -7.80
CA SER A 803 36.45 -5.04 -8.17
C SER A 803 36.69 -3.53 -8.20
N TRP A 804 37.75 -3.08 -7.53
CA TRP A 804 38.16 -1.68 -7.57
C TRP A 804 38.67 -1.28 -8.93
N ILE A 805 38.02 -0.28 -9.52
CA ILE A 805 38.50 0.34 -10.74
C ILE A 805 39.59 1.33 -10.38
N ASN A 806 39.25 2.40 -9.66
CA ASN A 806 40.25 3.41 -9.29
C ASN A 806 40.43 3.66 -7.78
N PRO A 807 41.19 2.79 -7.12
CA PRO A 807 41.40 2.96 -5.68
C PRO A 807 42.41 4.06 -5.38
N LYS A 808 42.16 4.80 -4.30
CA LYS A 808 43.13 5.77 -3.80
C LYS A 808 44.44 5.09 -3.53
N ASP A 809 45.53 5.83 -3.73
CA ASP A 809 46.87 5.27 -3.70
C ASP A 809 47.19 4.54 -2.41
N ASP A 810 46.82 5.12 -1.28
CA ASP A 810 47.08 4.50 0.02
C ASP A 810 46.30 3.19 0.21
N LEU A 811 45.06 3.16 -0.27
CA LEU A 811 44.23 1.95 -0.22
C LEU A 811 44.83 0.85 -1.07
N ARG A 812 45.40 1.27 -2.21
CA ARG A 812 46.05 0.38 -3.14
C ARG A 812 47.25 -0.30 -2.49
N ASP A 813 48.10 0.51 -1.85
CA ASP A 813 49.27 0.02 -1.16
C ASP A 813 48.89 -0.97 -0.05
N MET A 814 47.82 -0.66 0.67
CA MET A 814 47.28 -1.60 1.65
C MET A 814 47.01 -2.94 0.96
N PHE A 815 46.35 -2.87 -0.20
CA PHE A 815 46.03 -4.06 -0.98
C PHE A 815 47.25 -4.87 -1.34
N CYS A 816 48.21 -4.26 -2.03
CA CYS A 816 49.38 -5.05 -2.45
C CYS A 816 50.24 -5.49 -1.28
N LYS A 817 50.14 -4.79 -0.16
CA LYS A 817 50.82 -5.21 1.04
C LYS A 817 50.20 -6.51 1.57
N ILE A 818 48.86 -6.57 1.57
CA ILE A 818 48.15 -7.81 1.94
C ILE A 818 48.36 -8.95 0.93
N LEU A 819 48.29 -8.63 -0.36
CA LEU A 819 48.52 -9.60 -1.43
C LEU A 819 49.95 -10.17 -1.40
N HIS A 820 50.95 -9.30 -1.53
CA HIS A 820 52.37 -9.69 -1.34
C HIS A 820 52.55 -10.49 -0.08
N GLY A 821 51.97 -10.01 1.02
CA GLY A 821 51.99 -10.71 2.30
C GLY A 821 51.51 -12.14 2.22
N PHE A 822 50.37 -12.35 1.58
CA PHE A 822 49.82 -13.69 1.36
C PHE A 822 50.67 -14.58 0.46
N LYS A 823 51.18 -14.05 -0.66
CA LYS A 823 51.95 -14.89 -1.57
C LYS A 823 53.23 -15.37 -0.87
N ASN A 824 53.86 -14.48 -0.11
CA ASN A 824 55.05 -14.80 0.68
C ASN A 824 54.75 -15.83 1.77
N GLN A 825 53.55 -15.79 2.32
CA GLN A 825 53.15 -16.75 3.34
C GLN A 825 53.04 -18.18 2.81
N VAL A 826 52.59 -18.34 1.58
CA VAL A 826 52.35 -19.69 1.01
C VAL A 826 53.44 -20.16 0.05
N GLY A 827 54.34 -19.27 -0.34
CA GLY A 827 55.43 -19.62 -1.25
C GLY A 827 55.02 -19.72 -2.71
N ASP A 828 55.97 -19.43 -3.59
CA ASP A 828 55.77 -19.34 -5.05
C ASP A 828 54.98 -20.50 -5.68
N GLU A 829 55.08 -21.68 -5.08
CA GLU A 829 54.45 -22.87 -5.61
C GLU A 829 52.95 -22.90 -5.31
N ASN A 830 52.61 -22.90 -4.02
CA ASN A 830 51.20 -22.84 -3.57
C ASN A 830 50.43 -21.65 -4.15
N TRP A 831 51.14 -20.53 -4.28
CA TRP A 831 50.59 -19.33 -4.88
C TRP A 831 50.16 -19.55 -6.30
N ARG A 832 51.05 -20.14 -7.09
CA ARG A 832 50.84 -20.26 -8.52
C ARG A 832 49.65 -21.19 -8.80
N ARG A 833 49.48 -22.18 -7.94
CA ARG A 833 48.37 -23.12 -7.99
C ARG A 833 47.07 -22.46 -7.52
N PHE A 834 47.17 -21.60 -6.51
CA PHE A 834 46.03 -20.83 -6.02
C PHE A 834 45.57 -19.85 -7.10
N SER A 835 46.54 -19.15 -7.70
CA SER A 835 46.24 -18.16 -8.72
C SER A 835 45.83 -18.79 -10.05
N ASP A 836 45.99 -20.10 -10.17
CA ASP A 836 45.46 -20.82 -11.33
C ASP A 836 43.96 -20.66 -11.45
N GLN A 837 43.27 -20.58 -10.32
CA GLN A 837 41.81 -20.49 -10.34
C GLN A 837 41.27 -19.08 -10.66
N PHE A 838 42.18 -18.11 -10.84
CA PHE A 838 41.78 -16.74 -11.18
C PHE A 838 41.15 -16.63 -12.57
N PRO A 839 39.92 -16.10 -12.67
CA PRO A 839 39.46 -15.69 -14.00
C PRO A 839 40.49 -14.72 -14.60
N LEU A 840 40.62 -14.72 -15.93
CA LEU A 840 41.60 -13.86 -16.60
C LEU A 840 41.58 -12.37 -16.15
N PRO A 841 40.39 -11.73 -16.11
CA PRO A 841 40.35 -10.32 -15.70
C PRO A 841 40.98 -10.09 -14.33
N LEU A 842 40.66 -10.98 -13.38
CA LEU A 842 41.23 -10.93 -12.05
C LEU A 842 42.75 -11.12 -12.11
N LYS A 843 43.22 -12.23 -12.68
CA LYS A 843 44.66 -12.49 -12.75
C LYS A 843 45.40 -11.31 -13.35
N GLU A 844 44.79 -10.68 -14.34
CA GLU A 844 45.41 -9.59 -15.05
C GLU A 844 45.44 -8.31 -14.25
N ARG A 845 44.31 -7.99 -13.59
CA ARG A 845 44.19 -6.75 -12.82
C ARG A 845 45.21 -6.65 -11.69
N LEU A 846 45.41 -7.73 -10.95
CA LEU A 846 46.38 -7.66 -9.86
C LEU A 846 47.81 -7.90 -10.34
N ALA A 847 48.08 -7.35 -11.52
CA ALA A 847 49.45 -7.14 -12.02
C ALA A 847 49.54 -5.71 -12.55
N ALA A 848 48.42 -5.21 -13.07
CA ALA A 848 48.31 -3.82 -13.52
C ALA A 848 48.46 -2.90 -12.30
N PHE A 849 47.80 -3.26 -11.21
CA PHE A 849 47.90 -2.49 -9.98
C PHE A 849 48.89 -3.08 -8.95
N TYR A 850 48.95 -4.40 -8.83
CA TYR A 850 49.49 -5.00 -7.60
C TYR A 850 50.73 -5.90 -7.72
N GLY A 851 51.10 -6.23 -8.96
CA GLY A 851 52.30 -7.03 -9.24
C GLY A 851 52.40 -8.34 -8.48
N VAL A 852 51.31 -9.11 -8.48
CA VAL A 852 51.27 -10.40 -7.78
C VAL A 852 51.23 -11.57 -8.76
N GLY B 10 21.24 0.55 -3.56
CA GLY B 10 22.67 0.44 -3.12
C GLY B 10 22.96 1.09 -1.77
N PRO B 11 24.26 1.13 -1.37
CA PRO B 11 24.73 1.56 -0.03
C PRO B 11 24.24 2.95 0.39
N GLY B 12 23.47 3.02 1.47
CA GLY B 12 22.77 4.24 1.84
C GLY B 12 21.38 3.92 2.36
N LYS B 13 20.56 4.94 2.52
CA LYS B 13 19.28 4.74 3.16
C LYS B 13 18.21 4.28 2.18
N MET B 14 17.22 3.53 2.68
CA MET B 14 16.02 3.20 1.92
C MET B 14 14.86 4.13 2.30
N ASP B 15 14.20 4.69 1.30
CA ASP B 15 13.01 5.51 1.53
C ASP B 15 11.81 4.96 0.77
N SER B 16 10.61 5.37 1.15
CA SER B 16 9.41 4.86 0.53
C SER B 16 8.79 5.89 -0.43
N ARG B 17 9.48 7.00 -0.61
CA ARG B 17 9.02 8.09 -1.45
C ARG B 17 8.54 7.59 -2.84
N GLY B 18 9.42 6.90 -3.55
CA GLY B 18 9.14 6.38 -4.88
C GLY B 18 7.91 5.50 -4.90
N GLU B 19 7.88 4.54 -3.96
CA GLU B 19 6.71 3.73 -3.73
C GLU B 19 5.43 4.54 -3.45
N HIS B 20 5.55 5.58 -2.61
CA HIS B 20 4.38 6.41 -2.31
C HIS B 20 3.88 7.07 -3.55
N ARG B 21 4.79 7.47 -4.43
CA ARG B 21 4.39 8.08 -5.69
C ARG B 21 3.68 7.07 -6.62
N GLN B 22 4.20 5.85 -6.68
CA GLN B 22 3.57 4.76 -7.43
C GLN B 22 2.14 4.45 -6.97
N ASP B 23 1.92 4.46 -5.66
CA ASP B 23 0.58 4.28 -5.10
C ASP B 23 -0.38 5.36 -5.54
N ARG B 24 0.10 6.59 -5.69
CA ARG B 24 -0.80 7.69 -6.05
C ARG B 24 -1.04 7.78 -7.56
N ARG B 25 -0.25 7.03 -8.33
CA ARG B 25 -0.25 7.16 -9.78
C ARG B 25 -1.55 6.62 -10.43
N GLU B 26 -2.01 7.29 -11.49
CA GLU B 26 -3.23 6.87 -12.20
C GLU B 26 -3.09 5.46 -12.77
N ARG B 27 -4.13 4.64 -12.59
CA ARG B 27 -4.18 3.24 -13.07
C ARG B 27 -5.59 2.89 -13.54
N PRO B 28 -5.72 2.20 -14.71
CA PRO B 28 -7.07 1.88 -15.18
C PRO B 28 -7.72 0.76 -14.35
N TYR B 29 -6.91 -0.01 -13.66
CA TYR B 29 -7.42 -0.97 -12.70
C TYR B 29 -6.30 -1.12 -11.68
#